data_7UYY
#
_entry.id   7UYY
#
_cell.length_a   184.518
_cell.length_b   184.518
_cell.length_c   251.136
_cell.angle_alpha   90.000
_cell.angle_beta   90.000
_cell.angle_gamma   120.000
#
_symmetry.space_group_name_H-M   'H 3 2'
#
loop_
_entity.id
_entity.type
_entity.pdbx_description
1 polymer 'Aldehyde dehydrogenase'
2 non-polymer 'POTASSIUM ION'
3 non-polymer '1,4-DIHYDRONICOTINAMIDE ADENINE DINUCLEOTIDE'
4 non-polymer GLYCEROL
5 non-polymer 2-AMINO-2-HYDROXYMETHYL-PROPANE-1,3-DIOL
6 non-polymer 1,2-ETHANEDIOL
7 non-polymer 'SULFATE ION'
8 water water
#
_entity_poly.entity_id   1
_entity_poly.type   'polypeptide(L)'
_entity_poly.pdbx_seq_one_letter_code
;MGSSHHHHHHSSGLVPRGMTELLSREEYAAIAATLDLPQRAFIDGGFRDACGGRTFASTNPATGELLAQVAACDAEDVGH
AVASARRAFEDGRWRSRTPAERKAALLRLAELLEEHLLELAVMESLDSGKPIRECQHTDLPETINTLRWHAELIDKIYDS
TAPVGSAALAMVVREPIGVVGLVLPWNFPLLMLAWKIGPALAAGCSVVVKPAPETSLTALRVAELASQAGIPAGVFNVVP
GGGREAGEPLGRHPDVAMVSFTGSTATGRLFLKYAAESNLKRVVLECGGKNPAVVMNDVEDLDLVAQHVVNGAFWNMGEN
CSASSRLIVHAEVREALLERIGAQLREWRMGDPLDPRNRLGALVSPAHFEKVRAYLDQARTERLAVRFGGATEAGIFVEP
TVVDGVSPHSRLFREEIFGPLLSVTSFDDIDEAIALANDTVYGLAASAYTGSLRHALRLSREIRAGIVTVNCFGEGDAST
PFGGYKESGFGGRDKSVWAHDQYTELKTIWIDAS
;
_entity_poly.pdbx_strand_id   A,B
#
# COMPACT_ATOMS: atom_id res chain seq x y z
N MET A 19 35.38 -11.28 9.36
CA MET A 19 35.61 -11.58 7.95
C MET A 19 36.16 -13.00 7.77
N THR A 20 35.37 -13.86 7.12
N THR A 20 35.36 -13.84 7.10
CA THR A 20 35.83 -15.19 6.75
CA THR A 20 35.83 -15.16 6.70
C THR A 20 37.01 -15.07 5.77
C THR A 20 37.06 -15.04 5.81
N GLU A 21 37.89 -16.09 5.80
CA GLU A 21 39.13 -16.07 5.04
C GLU A 21 38.89 -16.37 3.55
N LEU A 22 39.45 -15.54 2.67
CA LEU A 22 39.31 -15.76 1.23
C LEU A 22 40.25 -16.85 0.73
N LEU A 23 39.73 -17.68 -0.18
CA LEU A 23 40.49 -18.72 -0.84
C LEU A 23 41.23 -18.14 -2.04
N SER A 24 41.96 -19.00 -2.73
CA SER A 24 42.66 -18.58 -3.94
C SER A 24 41.77 -18.78 -5.16
N ARG A 25 42.16 -18.10 -6.25
CA ARG A 25 41.45 -18.25 -7.52
C ARG A 25 41.27 -19.73 -7.86
N GLU A 26 42.37 -20.50 -7.79
CA GLU A 26 42.31 -21.92 -8.14
C GLU A 26 41.31 -22.67 -7.27
N GLU A 27 41.28 -22.35 -5.98
CA GLU A 27 40.39 -23.04 -5.04
C GLU A 27 38.92 -22.73 -5.33
N TYR A 28 38.60 -21.49 -5.74
CA TYR A 28 37.23 -21.17 -6.14
C TYR A 28 36.86 -21.91 -7.41
N ALA A 29 37.74 -21.88 -8.40
CA ALA A 29 37.55 -22.67 -9.61
C ALA A 29 37.31 -24.13 -9.27
N ALA A 30 38.04 -24.66 -8.29
CA ALA A 30 37.84 -26.05 -7.90
C ALA A 30 36.45 -26.26 -7.34
N ILE A 31 35.96 -25.31 -6.52
CA ILE A 31 34.61 -25.41 -5.97
C ILE A 31 33.56 -25.30 -7.07
N ALA A 32 33.75 -24.35 -8.00
CA ALA A 32 32.87 -24.24 -9.17
C ALA A 32 32.73 -25.59 -9.89
N ALA A 33 33.88 -26.20 -10.22
CA ALA A 33 33.90 -27.43 -11.02
C ALA A 33 33.10 -28.57 -10.39
N THR A 34 33.00 -28.62 -9.07
CA THR A 34 32.30 -29.71 -8.39
C THR A 34 30.85 -29.41 -8.10
N LEU A 35 30.32 -28.25 -8.50
CA LEU A 35 28.97 -27.90 -8.12
C LEU A 35 27.97 -28.65 -8.98
N ASP A 36 26.93 -29.17 -8.36
CA ASP A 36 25.80 -29.76 -9.07
C ASP A 36 24.70 -28.70 -9.14
N LEU A 37 24.73 -27.89 -10.20
CA LEU A 37 23.84 -26.73 -10.29
C LEU A 37 22.38 -27.16 -10.39
N PRO A 38 21.47 -26.54 -9.63
CA PRO A 38 20.05 -26.85 -9.79
C PRO A 38 19.55 -26.40 -11.14
N GLN A 39 18.52 -27.11 -11.62
CA GLN A 39 18.05 -26.90 -12.99
C GLN A 39 16.53 -26.89 -13.14
N ARG A 40 15.78 -27.45 -12.20
CA ARG A 40 14.34 -27.65 -12.29
C ARG A 40 13.62 -26.69 -11.35
N ALA A 41 12.32 -26.51 -11.58
CA ALA A 41 11.54 -25.69 -10.65
C ALA A 41 11.40 -26.42 -9.31
N PHE A 42 11.19 -25.66 -8.24
CA PHE A 42 10.97 -26.27 -6.93
C PHE A 42 9.54 -26.04 -6.50
N ILE A 43 8.73 -27.10 -6.54
CA ILE A 43 7.31 -26.97 -6.27
C ILE A 43 6.88 -28.11 -5.34
N ASP A 44 6.12 -27.75 -4.31
CA ASP A 44 5.50 -28.71 -3.39
C ASP A 44 6.49 -29.73 -2.85
N GLY A 45 7.66 -29.25 -2.46
CA GLY A 45 8.57 -30.06 -1.68
C GLY A 45 9.75 -30.64 -2.44
N GLY A 46 9.85 -30.43 -3.74
CA GLY A 46 10.93 -31.02 -4.49
C GLY A 46 10.98 -30.46 -5.89
N PHE A 47 12.01 -30.90 -6.63
CA PHE A 47 12.26 -30.40 -7.97
C PHE A 47 11.37 -31.08 -8.99
N ARG A 48 11.07 -30.36 -10.08
CA ARG A 48 10.24 -30.92 -11.13
C ARG A 48 10.43 -30.11 -12.40
N ASP A 49 10.36 -30.78 -13.55
CA ASP A 49 10.50 -30.08 -14.82
C ASP A 49 9.27 -29.24 -15.10
N ALA A 50 9.44 -28.30 -16.04
CA ALA A 50 8.30 -27.52 -16.51
C ALA A 50 7.33 -28.41 -17.26
N CYS A 51 6.04 -28.12 -17.11
CA CYS A 51 5.00 -28.95 -17.70
C CYS A 51 5.23 -29.17 -19.20
N GLY A 52 5.66 -28.13 -19.90
CA GLY A 52 5.97 -28.19 -21.31
C GLY A 52 7.41 -28.56 -21.64
N GLY A 53 8.20 -28.94 -20.64
CA GLY A 53 9.53 -29.46 -20.86
C GLY A 53 10.54 -28.53 -21.51
N ARG A 54 10.20 -27.26 -21.72
CA ARG A 54 11.18 -26.33 -22.30
C ARG A 54 12.20 -25.90 -21.24
N THR A 55 13.34 -25.40 -21.71
CA THR A 55 14.35 -24.85 -20.81
C THR A 55 14.92 -23.57 -21.41
N PHE A 56 15.68 -22.83 -20.60
CA PHE A 56 16.43 -21.69 -21.12
C PHE A 56 17.86 -21.75 -20.60
N ALA A 57 18.76 -21.11 -21.33
CA ALA A 57 20.18 -21.16 -21.02
C ALA A 57 20.54 -20.18 -19.91
N SER A 58 21.26 -20.69 -18.91
CA SER A 58 21.94 -19.88 -17.92
C SER A 58 23.43 -19.96 -18.21
N THR A 59 24.02 -18.84 -18.60
CA THR A 59 25.43 -18.81 -18.95
C THR A 59 26.19 -17.87 -18.03
N ASN A 60 27.43 -18.22 -17.73
CA ASN A 60 28.30 -17.36 -16.95
C ASN A 60 28.61 -16.11 -17.76
N PRO A 61 28.17 -14.92 -17.34
CA PRO A 61 28.36 -13.73 -18.19
C PRO A 61 29.81 -13.33 -18.39
N ALA A 62 30.72 -13.79 -17.52
CA ALA A 62 32.11 -13.38 -17.64
C ALA A 62 32.90 -14.27 -18.59
N THR A 63 32.40 -15.47 -18.88
CA THR A 63 33.10 -16.42 -19.72
C THR A 63 32.33 -16.85 -20.95
N GLY A 64 31.00 -16.73 -20.96
CA GLY A 64 30.18 -17.29 -22.00
C GLY A 64 29.79 -18.75 -21.80
N GLU A 65 30.45 -19.48 -20.90
CA GLU A 65 30.13 -20.90 -20.74
C GLU A 65 28.70 -21.11 -20.29
N LEU A 66 28.05 -22.08 -20.89
CA LEU A 66 26.79 -22.57 -20.38
C LEU A 66 26.95 -23.14 -18.98
N LEU A 67 26.06 -22.75 -18.07
CA LEU A 67 26.05 -23.31 -16.72
C LEU A 67 24.95 -24.35 -16.52
N ALA A 68 23.78 -24.16 -17.12
CA ALA A 68 22.68 -25.07 -16.88
C ALA A 68 21.55 -24.77 -17.84
N GLN A 69 20.71 -25.77 -18.06
CA GLN A 69 19.48 -25.61 -18.84
C GLN A 69 18.36 -25.62 -17.82
N VAL A 70 17.81 -24.46 -17.54
CA VAL A 70 16.89 -24.29 -16.45
C VAL A 70 15.48 -24.39 -17.00
N ALA A 71 14.62 -25.09 -16.26
CA ALA A 71 13.21 -25.18 -16.60
C ALA A 71 12.64 -23.81 -16.93
N ALA A 72 11.92 -23.74 -18.05
CA ALA A 72 11.36 -22.50 -18.58
C ALA A 72 9.85 -22.54 -18.31
N CYS A 73 9.46 -22.04 -17.13
CA CYS A 73 8.09 -22.20 -16.69
C CYS A 73 7.15 -21.15 -17.29
N ASP A 74 5.88 -21.53 -17.36
CA ASP A 74 4.83 -20.68 -17.91
C ASP A 74 3.66 -20.68 -16.94
N ALA A 75 2.49 -20.23 -17.42
CA ALA A 75 1.34 -20.08 -16.54
C ALA A 75 0.90 -21.41 -15.96
N GLU A 76 1.17 -22.51 -16.67
CA GLU A 76 0.79 -23.83 -16.18
C GLU A 76 1.56 -24.18 -14.92
N ASP A 77 2.89 -24.07 -14.98
CA ASP A 77 3.74 -24.28 -13.80
C ASP A 77 3.39 -23.32 -12.66
N VAL A 78 3.16 -22.04 -13.00
CA VAL A 78 2.75 -21.08 -11.98
C VAL A 78 1.46 -21.55 -11.31
N GLY A 79 0.48 -22.01 -12.11
CA GLY A 79 -0.75 -22.53 -11.53
C GLY A 79 -0.51 -23.64 -10.51
N HIS A 80 0.38 -24.58 -10.86
CA HIS A 80 0.71 -25.65 -9.92
C HIS A 80 1.37 -25.11 -8.67
N ALA A 81 2.35 -24.20 -8.84
CA ALA A 81 3.04 -23.66 -7.67
C ALA A 81 2.08 -22.90 -6.77
N VAL A 82 1.17 -22.11 -7.34
CA VAL A 82 0.23 -21.36 -6.53
C VAL A 82 -0.74 -22.31 -5.84
N ALA A 83 -1.13 -23.39 -6.54
CA ALA A 83 -2.04 -24.36 -5.93
C ALA A 83 -1.41 -25.05 -4.73
N SER A 84 -0.13 -25.45 -4.84
CA SER A 84 0.54 -26.05 -3.70
C SER A 84 0.71 -25.05 -2.56
N ALA A 85 0.91 -23.76 -2.88
CA ALA A 85 0.97 -22.74 -1.84
C ALA A 85 -0.40 -22.50 -1.21
N ARG A 86 -1.47 -22.54 -2.03
CA ARG A 86 -2.80 -22.32 -1.49
C ARG A 86 -3.19 -23.43 -0.52
N ARG A 87 -2.89 -24.67 -0.88
CA ARG A 87 -3.20 -25.79 0.00
C ARG A 87 -2.42 -25.68 1.30
N ALA A 88 -1.11 -25.44 1.23
CA ALA A 88 -0.33 -25.26 2.45
C ALA A 88 -0.89 -24.15 3.33
N PHE A 89 -1.28 -23.02 2.74
CA PHE A 89 -1.85 -21.95 3.55
C PHE A 89 -3.16 -22.38 4.21
N GLU A 90 -4.00 -23.12 3.48
CA GLU A 90 -5.30 -23.50 4.03
C GLU A 90 -5.16 -24.60 5.09
N ASP A 91 -4.23 -25.55 4.85
CA ASP A 91 -3.73 -26.51 5.83
C ASP A 91 -3.48 -25.94 7.22
N GLY A 92 -2.77 -24.82 7.28
CA GLY A 92 -2.10 -24.40 8.50
C GLY A 92 -0.75 -25.04 8.75
N ARG A 93 -0.24 -25.86 7.82
CA ARG A 93 0.96 -26.65 8.11
C ARG A 93 2.13 -25.77 8.55
N TRP A 94 2.28 -24.58 7.95
CA TRP A 94 3.24 -23.58 8.38
C TRP A 94 2.60 -22.47 9.20
N ARG A 95 1.47 -21.98 8.72
CA ARG A 95 0.82 -20.82 9.28
C ARG A 95 0.42 -21.03 10.74
N SER A 96 0.08 -22.26 11.11
CA SER A 96 -0.47 -22.53 12.43
C SER A 96 0.58 -22.85 13.47
N ARG A 97 1.83 -23.06 13.07
CA ARG A 97 2.92 -23.12 14.05
C ARG A 97 2.99 -21.79 14.78
N THR A 98 3.46 -21.85 16.03
CA THR A 98 3.62 -20.61 16.81
C THR A 98 4.71 -19.74 16.20
N PRO A 99 4.64 -18.42 16.42
CA PRO A 99 5.75 -17.54 16.01
C PRO A 99 7.11 -18.08 16.45
N ALA A 100 7.21 -18.55 17.68
CA ALA A 100 8.48 -19.13 18.16
C ALA A 100 8.88 -20.37 17.36
N GLU A 101 7.90 -21.15 16.87
CA GLU A 101 8.22 -22.31 16.06
C GLU A 101 8.65 -21.90 14.65
N ARG A 102 7.95 -20.93 14.05
CA ARG A 102 8.35 -20.44 12.74
C ARG A 102 9.73 -19.83 12.80
N LYS A 103 10.04 -19.13 13.91
CA LYS A 103 11.37 -18.60 14.11
C LYS A 103 12.41 -19.71 14.11
N ALA A 104 12.14 -20.80 14.84
CA ALA A 104 13.10 -21.91 14.93
C ALA A 104 13.43 -22.48 13.55
N ALA A 105 12.41 -22.72 12.71
CA ALA A 105 12.65 -23.31 11.40
C ALA A 105 13.43 -22.37 10.49
N LEU A 106 13.06 -21.08 10.46
CA LEU A 106 13.80 -20.12 9.65
C LEU A 106 15.23 -19.95 10.14
N LEU A 107 15.48 -20.10 11.46
CA LEU A 107 16.85 -20.08 11.95
C LEU A 107 17.62 -21.31 11.49
N ARG A 108 16.95 -22.48 11.45
CA ARG A 108 17.57 -23.67 10.87
C ARG A 108 17.97 -23.44 9.42
N LEU A 109 17.08 -22.81 8.64
CA LEU A 109 17.39 -22.49 7.25
C LEU A 109 18.64 -21.61 7.16
N ALA A 110 18.70 -20.56 7.97
CA ALA A 110 19.85 -19.67 7.94
C ALA A 110 21.15 -20.43 8.26
N GLU A 111 21.09 -21.34 9.26
CA GLU A 111 22.24 -22.21 9.56
C GLU A 111 22.74 -22.93 8.33
N LEU A 112 21.81 -23.57 7.60
CA LEU A 112 22.18 -24.35 6.42
C LEU A 112 22.86 -23.49 5.38
N LEU A 113 22.34 -22.28 5.15
CA LEU A 113 23.01 -21.37 4.24
C LEU A 113 24.42 -21.09 4.71
N GLU A 114 24.59 -20.88 6.02
CA GLU A 114 25.93 -20.65 6.56
C GLU A 114 26.85 -21.86 6.36
N GLU A 115 26.33 -23.07 6.58
CA GLU A 115 27.12 -24.27 6.33
C GLU A 115 27.53 -24.39 4.87
N HIS A 116 26.71 -23.87 3.95
CA HIS A 116 26.97 -23.98 2.52
C HIS A 116 27.49 -22.67 1.94
N LEU A 117 28.14 -21.84 2.75
CA LEU A 117 28.37 -20.44 2.37
C LEU A 117 29.27 -20.35 1.15
N LEU A 118 30.39 -21.10 1.13
CA LEU A 118 31.30 -21.04 0.00
C LEU A 118 30.65 -21.55 -1.29
N GLU A 119 29.92 -22.67 -1.21
CA GLU A 119 29.17 -23.17 -2.36
C GLU A 119 28.23 -22.11 -2.92
N LEU A 120 27.40 -21.51 -2.05
CA LEU A 120 26.44 -20.50 -2.50
C LEU A 120 27.16 -19.25 -3.01
N ALA A 121 28.27 -18.88 -2.39
CA ALA A 121 28.99 -17.70 -2.86
C ALA A 121 29.54 -17.93 -4.25
N VAL A 122 30.12 -19.10 -4.50
CA VAL A 122 30.65 -19.38 -5.83
C VAL A 122 29.52 -19.46 -6.84
N MET A 123 28.44 -20.12 -6.46
CA MET A 123 27.31 -20.28 -7.38
C MET A 123 26.69 -18.94 -7.73
N GLU A 124 26.53 -18.07 -6.74
CA GLU A 124 26.05 -16.71 -6.97
C GLU A 124 26.94 -15.96 -7.97
N SER A 125 28.26 -16.07 -7.80
N SER A 125 28.26 -16.05 -7.77
CA SER A 125 29.20 -15.36 -8.68
CA SER A 125 29.21 -15.37 -8.66
C SER A 125 29.09 -15.87 -10.11
C SER A 125 29.10 -15.86 -10.10
N LEU A 126 29.03 -17.20 -10.28
CA LEU A 126 29.03 -17.78 -11.62
C LEU A 126 27.82 -17.35 -12.43
N ASP A 127 26.65 -17.38 -11.81
CA ASP A 127 25.40 -17.06 -12.48
C ASP A 127 25.22 -15.56 -12.73
N SER A 128 25.88 -14.71 -11.94
CA SER A 128 25.59 -13.28 -11.97
C SER A 128 26.71 -12.41 -12.49
N GLY A 129 27.96 -12.86 -12.45
CA GLY A 129 29.08 -11.99 -12.74
C GLY A 129 29.64 -11.26 -11.53
N LYS A 130 29.02 -11.42 -10.36
CA LYS A 130 29.44 -10.65 -9.19
C LYS A 130 30.76 -11.19 -8.64
N PRO A 131 31.63 -10.32 -8.13
CA PRO A 131 32.94 -10.77 -7.65
C PRO A 131 32.84 -11.68 -6.43
N ILE A 132 33.62 -12.77 -6.44
CA ILE A 132 33.56 -13.75 -5.36
C ILE A 132 33.88 -13.12 -4.01
N ARG A 133 34.78 -12.12 -4.01
CA ARG A 133 35.18 -11.43 -2.78
C ARG A 133 33.98 -10.83 -2.06
N GLU A 134 33.13 -10.10 -2.79
CA GLU A 134 31.94 -9.50 -2.17
C GLU A 134 30.84 -10.53 -1.96
N CYS A 135 30.72 -11.52 -2.85
CA CYS A 135 29.75 -12.58 -2.62
C CYS A 135 30.01 -13.30 -1.30
N GLN A 136 31.30 -13.52 -0.97
CA GLN A 136 31.65 -14.22 0.26
C GLN A 136 31.55 -13.33 1.49
N HIS A 137 32.00 -12.09 1.38
CA HIS A 137 32.08 -11.23 2.55
C HIS A 137 30.82 -10.42 2.79
N THR A 138 30.02 -10.16 1.75
CA THR A 138 28.86 -9.29 1.86
C THR A 138 27.56 -10.03 1.53
N ASP A 139 27.37 -10.49 0.28
CA ASP A 139 26.07 -11.03 -0.13
C ASP A 139 25.63 -12.18 0.75
N LEU A 140 26.52 -13.18 0.92
CA LEU A 140 26.13 -14.35 1.72
C LEU A 140 25.93 -13.98 3.19
N PRO A 141 26.85 -13.29 3.87
CA PRO A 141 26.56 -12.90 5.26
C PRO A 141 25.33 -12.03 5.40
N GLU A 142 25.12 -11.10 4.48
CA GLU A 142 23.93 -10.26 4.54
C GLU A 142 22.65 -11.06 4.34
N THR A 143 22.70 -12.06 3.45
CA THR A 143 21.55 -12.94 3.24
C THR A 143 21.23 -13.73 4.50
N ILE A 144 22.27 -14.34 5.10
CA ILE A 144 22.09 -15.12 6.31
C ILE A 144 21.58 -14.24 7.44
N ASN A 145 22.06 -12.99 7.51
CA ASN A 145 21.64 -12.14 8.61
C ASN A 145 20.22 -11.64 8.42
N THR A 146 19.81 -11.37 7.18
CA THR A 146 18.43 -10.99 6.90
C THR A 146 17.46 -12.08 7.37
N LEU A 147 17.74 -13.34 7.03
CA LEU A 147 16.88 -14.43 7.47
C LEU A 147 16.86 -14.56 8.99
N ARG A 148 18.03 -14.39 9.64
CA ARG A 148 18.05 -14.48 11.09
C ARG A 148 17.28 -13.34 11.74
N TRP A 149 17.46 -12.12 11.22
CA TRP A 149 16.80 -10.96 11.84
C TRP A 149 15.29 -11.10 11.78
N HIS A 150 14.74 -11.50 10.63
CA HIS A 150 13.29 -11.58 10.50
C HIS A 150 12.74 -12.81 11.22
N ALA A 151 13.52 -13.88 11.31
CA ALA A 151 13.07 -15.01 12.12
C ALA A 151 12.95 -14.60 13.58
N GLU A 152 13.99 -13.93 14.10
CA GLU A 152 14.01 -13.46 15.49
C GLU A 152 12.92 -12.42 15.77
N LEU A 153 12.55 -11.61 14.76
CA LEU A 153 11.60 -10.53 14.98
C LEU A 153 10.19 -11.03 15.29
N ILE A 154 9.78 -12.17 14.69
CA ILE A 154 8.35 -12.48 14.64
C ILE A 154 7.75 -12.62 16.04
N ASP A 155 8.46 -13.26 16.97
CA ASP A 155 7.92 -13.35 18.32
C ASP A 155 8.37 -12.18 19.20
N LYS A 156 8.69 -11.04 18.59
CA LYS A 156 8.84 -9.79 19.31
C LYS A 156 7.80 -8.75 18.91
N ILE A 157 6.87 -9.08 18.02
CA ILE A 157 5.95 -8.09 17.47
C ILE A 157 4.66 -8.14 18.28
N TYR A 158 4.29 -7.00 18.85
CA TYR A 158 3.02 -6.86 19.53
C TYR A 158 2.04 -6.14 18.63
N ASP A 159 0.81 -6.64 18.58
CA ASP A 159 -0.31 -5.91 17.99
C ASP A 159 -0.93 -5.07 19.11
N SER A 160 -2.18 -4.61 18.97
CA SER A 160 -2.70 -3.56 19.82
C SER A 160 -4.07 -3.91 20.40
N THR A 161 -4.42 -3.20 21.48
CA THR A 161 -5.80 -3.07 21.93
C THR A 161 -6.15 -1.59 21.97
N ALA A 162 -7.40 -1.23 21.53
CA ALA A 162 -7.87 0.14 21.33
C ALA A 162 -8.52 0.69 22.58
N PRO A 163 -8.39 2.01 22.83
CA PRO A 163 -8.93 2.64 24.06
C PRO A 163 -10.42 2.93 23.98
N VAL A 164 -11.23 1.86 24.08
CA VAL A 164 -12.66 1.95 23.80
C VAL A 164 -13.51 1.93 25.06
N GLY A 165 -12.92 1.85 26.23
CA GLY A 165 -13.68 1.86 27.47
C GLY A 165 -13.99 0.47 28.01
N SER A 166 -14.83 0.46 29.03
CA SER A 166 -15.09 -0.73 29.83
C SER A 166 -16.16 -1.64 29.25
N ALA A 167 -17.03 -1.11 28.38
CA ALA A 167 -18.12 -1.87 27.80
C ALA A 167 -17.70 -2.72 26.60
N ALA A 168 -16.46 -2.63 26.13
CA ALA A 168 -16.05 -3.46 25.03
C ALA A 168 -14.56 -3.73 25.14
N LEU A 169 -14.13 -4.79 24.46
CA LEU A 169 -12.72 -5.16 24.38
C LEU A 169 -12.39 -5.22 22.89
N ALA A 170 -11.60 -4.25 22.43
CA ALA A 170 -11.26 -4.11 21.02
C ALA A 170 -9.78 -4.39 20.81
N MET A 171 -9.46 -5.41 20.03
CA MET A 171 -8.09 -5.67 19.62
C MET A 171 -7.89 -5.23 18.18
N VAL A 172 -6.65 -4.92 17.83
CA VAL A 172 -6.28 -4.60 16.46
C VAL A 172 -5.06 -5.47 16.16
N VAL A 173 -5.26 -6.56 15.42
CA VAL A 173 -4.26 -7.60 15.26
C VAL A 173 -3.95 -7.77 13.77
N ARG A 174 -2.93 -8.60 13.50
CA ARG A 174 -2.42 -8.80 12.15
C ARG A 174 -2.47 -10.28 11.80
N GLU A 175 -2.83 -10.57 10.55
CA GLU A 175 -2.98 -11.94 10.06
C GLU A 175 -2.26 -12.09 8.73
N PRO A 176 -1.73 -13.27 8.44
CA PRO A 176 -1.02 -13.45 7.17
C PRO A 176 -1.97 -13.29 6.00
N ILE A 177 -1.52 -12.58 4.96
CA ILE A 177 -2.43 -12.23 3.88
C ILE A 177 -2.78 -13.45 3.02
N GLY A 178 -1.86 -14.39 2.86
CA GLY A 178 -2.14 -15.60 2.11
C GLY A 178 -0.99 -16.04 1.23
N VAL A 179 -1.27 -16.43 -0.02
CA VAL A 179 -0.20 -16.79 -0.94
C VAL A 179 0.43 -15.51 -1.51
N VAL A 180 1.74 -15.44 -1.49
CA VAL A 180 2.48 -14.22 -1.77
C VAL A 180 3.42 -14.51 -2.92
N GLY A 181 3.33 -13.72 -3.98
CA GLY A 181 4.24 -13.82 -5.10
C GLY A 181 5.39 -12.85 -4.92
N LEU A 182 6.61 -13.35 -5.14
CA LEU A 182 7.84 -12.59 -4.94
C LEU A 182 8.62 -12.61 -6.24
N VAL A 183 8.68 -11.47 -6.92
CA VAL A 183 9.35 -11.34 -8.21
C VAL A 183 10.65 -10.57 -7.97
N LEU A 184 11.79 -11.16 -8.35
CA LEU A 184 13.11 -10.67 -7.97
C LEU A 184 13.95 -10.18 -9.16
N PRO A 185 14.87 -9.25 -8.93
CA PRO A 185 15.83 -8.87 -9.97
C PRO A 185 17.12 -9.66 -9.89
N TRP A 186 18.15 -9.21 -10.62
CA TRP A 186 19.36 -10.00 -10.78
C TRP A 186 20.58 -9.40 -10.13
N ASN A 187 20.51 -8.19 -9.55
CA ASN A 187 21.73 -7.55 -9.06
C ASN A 187 22.17 -8.07 -7.70
N PHE A 188 21.24 -8.53 -6.87
CA PHE A 188 21.54 -9.14 -5.56
C PHE A 188 20.61 -10.32 -5.39
N PRO A 189 20.84 -11.41 -6.12
CA PRO A 189 19.83 -12.50 -6.15
C PRO A 189 19.49 -13.06 -4.77
N LEU A 190 20.50 -13.45 -4.00
CA LEU A 190 20.26 -14.06 -2.69
C LEU A 190 19.77 -13.03 -1.68
N LEU A 191 20.42 -11.87 -1.64
CA LEU A 191 20.03 -10.87 -0.66
C LEU A 191 18.58 -10.42 -0.87
N MET A 192 18.21 -10.14 -2.12
CA MET A 192 16.81 -9.81 -2.42
C MET A 192 15.87 -10.96 -2.06
N LEU A 193 16.27 -12.20 -2.38
CA LEU A 193 15.49 -13.34 -1.95
C LEU A 193 15.24 -13.31 -0.44
N ALA A 194 16.29 -13.01 0.34
CA ALA A 194 16.13 -13.02 1.80
C ALA A 194 15.28 -11.83 2.26
N TRP A 195 15.50 -10.65 1.68
CA TRP A 195 14.67 -9.49 1.99
C TRP A 195 13.19 -9.79 1.84
N LYS A 196 12.83 -10.68 0.91
CA LYS A 196 11.41 -10.97 0.68
C LYS A 196 10.92 -12.16 1.49
N ILE A 197 11.61 -13.30 1.40
CA ILE A 197 11.08 -14.49 2.07
C ILE A 197 11.15 -14.37 3.58
N GLY A 198 12.15 -13.64 4.10
CA GLY A 198 12.27 -13.45 5.52
C GLY A 198 10.98 -13.00 6.19
N PRO A 199 10.59 -11.75 5.94
CA PRO A 199 9.32 -11.25 6.51
C PRO A 199 8.10 -12.05 6.07
N ALA A 200 8.05 -12.47 4.80
CA ALA A 200 6.85 -13.16 4.31
C ALA A 200 6.67 -14.52 4.96
N LEU A 201 7.74 -15.33 5.04
CA LEU A 201 7.65 -16.63 5.72
C LEU A 201 7.43 -16.47 7.22
N ALA A 202 8.15 -15.53 7.84
CA ALA A 202 7.98 -15.34 9.28
C ALA A 202 6.53 -15.00 9.61
N ALA A 203 5.87 -14.24 8.73
CA ALA A 203 4.46 -13.90 8.91
C ALA A 203 3.53 -15.09 8.74
N GLY A 204 4.00 -16.18 8.15
CA GLY A 204 3.17 -17.34 7.94
C GLY A 204 2.54 -17.44 6.57
N CYS A 205 2.95 -16.61 5.63
CA CYS A 205 2.49 -16.76 4.26
C CYS A 205 3.18 -17.95 3.60
N SER A 206 2.51 -18.50 2.59
CA SER A 206 3.20 -19.31 1.59
C SER A 206 3.66 -18.38 0.47
N VAL A 207 4.81 -18.69 -0.12
CA VAL A 207 5.37 -17.83 -1.15
C VAL A 207 5.64 -18.59 -2.43
N VAL A 208 5.54 -17.87 -3.55
CA VAL A 208 5.95 -18.36 -4.86
C VAL A 208 6.94 -17.34 -5.41
N VAL A 209 8.19 -17.78 -5.63
CA VAL A 209 9.29 -16.90 -5.98
C VAL A 209 9.58 -17.06 -7.47
N LYS A 210 9.52 -15.94 -8.21
CA LYS A 210 9.91 -15.96 -9.61
C LYS A 210 11.19 -15.15 -9.69
N PRO A 211 12.36 -15.77 -9.67
CA PRO A 211 13.61 -15.00 -9.75
C PRO A 211 13.88 -14.51 -11.18
N ALA A 212 14.91 -13.69 -11.29
CA ALA A 212 15.33 -13.23 -12.60
C ALA A 212 15.91 -14.41 -13.39
N PRO A 213 15.58 -14.53 -14.68
CA PRO A 213 16.18 -15.61 -15.48
C PRO A 213 17.70 -15.51 -15.55
N GLU A 214 18.26 -14.32 -15.37
CA GLU A 214 19.71 -14.20 -15.41
C GLU A 214 20.37 -14.85 -14.20
N THR A 215 19.62 -15.05 -13.12
CA THR A 215 20.19 -15.38 -11.83
C THR A 215 19.18 -16.26 -11.08
N SER A 216 18.93 -17.46 -11.60
CA SER A 216 17.90 -18.33 -11.04
C SER A 216 18.47 -19.44 -10.16
N LEU A 217 19.76 -19.71 -10.24
CA LEU A 217 20.30 -20.94 -9.65
C LEU A 217 20.27 -20.88 -8.12
N THR A 218 20.76 -19.79 -7.52
CA THR A 218 20.91 -19.82 -6.07
C THR A 218 19.55 -19.84 -5.37
N ALA A 219 18.54 -19.18 -5.93
CA ALA A 219 17.20 -19.28 -5.34
C ALA A 219 16.70 -20.71 -5.34
N LEU A 220 16.95 -21.44 -6.44
CA LEU A 220 16.56 -22.85 -6.48
C LEU A 220 17.27 -23.65 -5.39
N ARG A 221 18.57 -23.44 -5.22
CA ARG A 221 19.32 -24.12 -4.16
C ARG A 221 18.79 -23.76 -2.76
N VAL A 222 18.45 -22.49 -2.54
CA VAL A 222 17.96 -22.09 -1.23
C VAL A 222 16.60 -22.73 -0.95
N ALA A 223 15.78 -22.91 -1.98
CA ALA A 223 14.49 -23.60 -1.79
C ALA A 223 14.69 -25.04 -1.33
N GLU A 224 15.65 -25.74 -1.95
CA GLU A 224 15.95 -27.11 -1.53
C GLU A 224 16.45 -27.13 -0.09
N LEU A 225 17.35 -26.22 0.25
CA LEU A 225 17.84 -26.16 1.62
C LEU A 225 16.71 -25.86 2.59
N ALA A 226 15.72 -25.05 2.18
CA ALA A 226 14.60 -24.76 3.07
C ALA A 226 13.79 -26.01 3.39
N SER A 227 13.60 -26.90 2.41
CA SER A 227 12.92 -28.18 2.66
C SER A 227 13.69 -29.00 3.70
N GLN A 228 15.02 -29.09 3.54
CA GLN A 228 15.85 -29.78 4.50
C GLN A 228 15.67 -29.19 5.89
N ALA A 229 15.46 -27.88 5.98
CA ALA A 229 15.34 -27.21 7.26
C ALA A 229 13.98 -27.40 7.89
N GLY A 230 13.01 -27.95 7.16
CA GLY A 230 11.70 -28.19 7.69
C GLY A 230 10.64 -27.18 7.32
N ILE A 231 10.93 -26.28 6.39
CA ILE A 231 9.87 -25.51 5.74
C ILE A 231 8.98 -26.54 5.03
N PRO A 232 7.69 -26.65 5.37
CA PRO A 232 6.85 -27.68 4.77
C PRO A 232 6.69 -27.52 3.27
N ALA A 233 6.31 -28.62 2.63
CA ALA A 233 6.10 -28.61 1.19
C ALA A 233 5.03 -27.61 0.81
N GLY A 234 5.29 -26.89 -0.29
CA GLY A 234 4.35 -25.91 -0.80
C GLY A 234 4.44 -24.53 -0.18
N VAL A 235 5.24 -24.36 0.88
CA VAL A 235 5.30 -23.09 1.59
C VAL A 235 6.31 -22.14 0.94
N PHE A 236 7.31 -22.67 0.24
CA PHE A 236 8.36 -21.86 -0.37
C PHE A 236 8.70 -22.56 -1.70
N ASN A 237 8.08 -22.07 -2.78
CA ASN A 237 8.27 -22.55 -4.14
C ASN A 237 9.05 -21.53 -4.97
N VAL A 238 9.81 -22.02 -5.94
CA VAL A 238 10.57 -21.18 -6.87
C VAL A 238 10.25 -21.62 -8.29
N VAL A 239 9.81 -20.68 -9.11
CA VAL A 239 9.35 -20.96 -10.46
C VAL A 239 10.19 -20.13 -11.44
N PRO A 240 11.22 -20.71 -12.04
CA PRO A 240 12.08 -19.94 -12.94
C PRO A 240 11.48 -19.81 -14.33
N GLY A 241 11.83 -18.72 -14.99
CA GLY A 241 11.27 -18.43 -16.29
C GLY A 241 11.29 -16.95 -16.59
N GLY A 242 10.80 -16.62 -17.79
CA GLY A 242 10.84 -15.26 -18.28
C GLY A 242 9.82 -14.36 -17.62
N GLY A 243 9.97 -13.05 -17.90
CA GLY A 243 9.07 -12.03 -17.41
C GLY A 243 7.62 -12.19 -17.83
N ARG A 244 7.36 -12.07 -19.14
CA ARG A 244 6.00 -12.30 -19.63
C ARG A 244 5.55 -13.74 -19.37
N GLU A 245 6.46 -14.70 -19.53
CA GLU A 245 6.07 -16.10 -19.51
C GLU A 245 5.71 -16.57 -18.11
N ALA A 246 6.50 -16.19 -17.11
CA ALA A 246 6.23 -16.68 -15.75
C ALA A 246 5.81 -15.60 -14.77
N GLY A 247 6.36 -14.38 -14.89
CA GLY A 247 6.05 -13.34 -13.92
C GLY A 247 4.66 -12.77 -14.09
N GLU A 248 4.23 -12.57 -15.33
CA GLU A 248 2.89 -12.05 -15.57
C GLU A 248 1.79 -12.99 -15.07
N PRO A 249 1.83 -14.31 -15.37
CA PRO A 249 0.78 -15.18 -14.81
C PRO A 249 0.76 -15.16 -13.30
N LEU A 250 1.92 -15.04 -12.65
CA LEU A 250 1.96 -14.93 -11.19
C LEU A 250 1.26 -13.68 -10.71
N GLY A 251 1.54 -12.54 -11.35
CA GLY A 251 0.88 -11.30 -10.99
C GLY A 251 -0.60 -11.31 -11.27
N ARG A 252 -1.04 -12.12 -12.24
CA ARG A 252 -2.45 -12.16 -12.61
C ARG A 252 -3.22 -13.26 -11.90
N HIS A 253 -2.55 -14.09 -11.13
CA HIS A 253 -3.22 -15.28 -10.64
C HIS A 253 -4.31 -14.90 -9.63
N PRO A 254 -5.52 -15.39 -9.80
CA PRO A 254 -6.61 -15.01 -8.89
C PRO A 254 -6.47 -15.56 -7.47
N ASP A 255 -5.52 -16.44 -7.17
CA ASP A 255 -5.35 -16.95 -5.81
C ASP A 255 -4.11 -16.43 -5.12
N VAL A 256 -3.35 -15.57 -5.76
CA VAL A 256 -2.24 -14.90 -5.09
C VAL A 256 -2.82 -13.68 -4.39
N ALA A 257 -2.55 -13.55 -3.10
CA ALA A 257 -3.16 -12.50 -2.30
C ALA A 257 -2.41 -11.18 -2.36
N MET A 258 -1.13 -11.23 -2.71
CA MET A 258 -0.21 -10.11 -2.61
C MET A 258 1.03 -10.42 -3.45
N VAL A 259 1.57 -9.40 -4.11
CA VAL A 259 2.84 -9.51 -4.83
C VAL A 259 3.78 -8.44 -4.30
N SER A 260 5.02 -8.84 -3.99
CA SER A 260 6.11 -7.91 -3.71
C SER A 260 7.12 -8.00 -4.84
N PHE A 261 7.44 -6.85 -5.43
CA PHE A 261 8.27 -6.79 -6.63
C PHE A 261 9.45 -5.84 -6.41
N THR A 262 10.61 -6.23 -6.92
CA THR A 262 11.77 -5.37 -6.99
C THR A 262 12.37 -5.47 -8.37
N GLY A 263 12.68 -4.32 -8.97
CA GLY A 263 13.06 -4.26 -10.36
C GLY A 263 12.85 -2.85 -10.88
N SER A 264 12.64 -2.75 -12.19
CA SER A 264 12.43 -1.45 -12.82
C SER A 264 11.03 -0.90 -12.56
N THR A 265 10.93 0.43 -12.61
CA THR A 265 9.62 1.09 -12.56
C THR A 265 8.75 0.62 -13.73
N ALA A 266 9.33 0.59 -14.93
CA ALA A 266 8.57 0.20 -16.11
C ALA A 266 7.83 -1.11 -15.90
N THR A 267 8.52 -2.11 -15.32
CA THR A 267 7.92 -3.42 -15.11
C THR A 267 7.02 -3.43 -13.88
N GLY A 268 7.41 -2.70 -12.83
CA GLY A 268 6.55 -2.59 -11.67
C GLY A 268 5.16 -2.06 -12.01
N ARG A 269 5.09 -1.13 -12.97
CA ARG A 269 3.80 -0.60 -13.38
C ARG A 269 2.87 -1.70 -13.87
N LEU A 270 3.42 -2.69 -14.57
CA LEU A 270 2.61 -3.81 -15.07
C LEU A 270 1.90 -4.52 -13.93
N PHE A 271 2.58 -4.70 -12.79
CA PHE A 271 1.97 -5.42 -11.69
C PHE A 271 0.79 -4.66 -11.08
N LEU A 272 0.79 -3.33 -11.19
CA LEU A 272 -0.41 -2.59 -10.82
C LEU A 272 -1.57 -2.92 -11.76
N LYS A 273 -1.30 -3.01 -13.06
CA LYS A 273 -2.31 -3.46 -14.00
C LYS A 273 -2.75 -4.88 -13.69
N TYR A 274 -1.79 -5.79 -13.46
CA TYR A 274 -2.14 -7.19 -13.21
C TYR A 274 -3.10 -7.29 -12.03
N ALA A 275 -2.85 -6.53 -10.97
CA ALA A 275 -3.76 -6.54 -9.82
C ALA A 275 -5.13 -6.00 -10.21
N ALA A 276 -5.15 -4.84 -10.89
CA ALA A 276 -6.40 -4.20 -11.29
C ALA A 276 -7.26 -5.09 -12.18
N GLU A 277 -6.63 -5.87 -13.05
CA GLU A 277 -7.34 -6.71 -14.00
C GLU A 277 -7.64 -8.11 -13.47
N SER A 278 -7.21 -8.45 -12.25
CA SER A 278 -7.46 -9.77 -11.70
C SER A 278 -8.22 -9.69 -10.38
N ASN A 279 -7.56 -9.92 -9.24
CA ASN A 279 -8.26 -10.08 -7.97
C ASN A 279 -7.95 -8.97 -6.96
N LEU A 280 -7.42 -7.84 -7.43
CA LEU A 280 -7.12 -6.70 -6.56
C LEU A 280 -6.09 -7.05 -5.48
N LYS A 281 -5.23 -8.01 -5.75
CA LYS A 281 -4.13 -8.35 -4.84
C LYS A 281 -3.34 -7.12 -4.44
N ARG A 282 -2.86 -7.11 -3.19
CA ARG A 282 -1.96 -6.04 -2.79
C ARG A 282 -0.66 -6.12 -3.57
N VAL A 283 -0.17 -4.98 -4.02
CA VAL A 283 1.09 -4.90 -4.76
C VAL A 283 2.00 -3.92 -4.01
N VAL A 284 3.24 -4.34 -3.79
CA VAL A 284 4.28 -3.48 -3.24
C VAL A 284 5.44 -3.48 -4.24
N LEU A 285 5.89 -2.28 -4.63
CA LEU A 285 6.96 -2.13 -5.60
C LEU A 285 8.17 -1.46 -4.97
N GLU A 286 9.33 -1.99 -5.29
CA GLU A 286 10.62 -1.38 -4.98
C GLU A 286 11.30 -1.21 -6.33
N CYS A 287 11.52 0.03 -6.75
CA CYS A 287 12.01 0.25 -8.10
C CYS A 287 13.34 0.97 -8.13
N GLY A 288 13.64 1.62 -9.25
CA GLY A 288 14.94 2.20 -9.43
C GLY A 288 15.11 3.53 -8.72
N GLY A 289 16.27 4.13 -8.95
CA GLY A 289 16.55 5.42 -8.39
C GLY A 289 17.61 6.14 -9.19
N LYS A 290 17.74 7.43 -8.90
CA LYS A 290 18.81 8.27 -9.44
C LYS A 290 19.36 9.04 -8.24
N ASN A 291 20.10 8.32 -7.39
CA ASN A 291 20.39 8.78 -6.04
C ASN A 291 21.49 9.84 -6.05
N PRO A 292 21.29 10.97 -5.37
CA PRO A 292 22.32 12.00 -5.31
C PRO A 292 23.29 11.78 -4.16
N ALA A 293 24.48 12.35 -4.32
CA ALA A 293 25.44 12.42 -3.22
C ALA A 293 25.86 13.87 -3.12
N VAL A 294 25.46 14.53 -2.03
CA VAL A 294 25.68 15.95 -1.83
C VAL A 294 26.92 16.15 -0.95
N VAL A 295 27.90 16.87 -1.45
CA VAL A 295 29.12 17.15 -0.71
C VAL A 295 29.22 18.66 -0.54
N MET A 296 29.12 19.12 0.71
CA MET A 296 29.25 20.51 1.10
C MET A 296 30.73 20.90 1.17
N ASN A 297 31.01 22.21 1.21
CA ASN A 297 32.38 22.71 1.29
C ASN A 297 32.94 22.75 2.70
N ASP A 298 32.21 22.23 3.68
CA ASP A 298 32.61 22.30 5.08
C ASP A 298 32.89 20.92 5.66
N VAL A 299 33.23 19.95 4.80
CA VAL A 299 33.56 18.62 5.28
C VAL A 299 34.92 18.64 5.96
N GLU A 300 35.06 17.79 6.98
CA GLU A 300 36.28 17.77 7.78
C GLU A 300 37.38 16.94 7.14
N ASP A 301 37.04 15.95 6.31
CA ASP A 301 38.00 14.99 5.74
C ASP A 301 37.58 14.64 4.32
N LEU A 302 38.22 15.28 3.34
CA LEU A 302 37.80 15.10 1.95
C LEU A 302 38.12 13.72 1.43
N ASP A 303 39.26 13.15 1.84
CA ASP A 303 39.62 11.80 1.40
C ASP A 303 38.61 10.77 1.89
N LEU A 304 38.06 10.97 3.09
CA LEU A 304 37.06 10.04 3.60
C LEU A 304 35.75 10.17 2.85
N VAL A 305 35.38 11.40 2.48
CA VAL A 305 34.23 11.61 1.60
C VAL A 305 34.44 10.85 0.29
N ALA A 306 35.60 11.05 -0.34
CA ALA A 306 35.91 10.38 -1.61
C ALA A 306 35.81 8.87 -1.48
N GLN A 307 36.28 8.33 -0.37
CA GLN A 307 36.11 6.91 -0.08
C GLN A 307 34.65 6.50 -0.11
N HIS A 308 33.75 7.35 0.43
CA HIS A 308 32.33 7.01 0.48
C HIS A 308 31.65 7.19 -0.86
N VAL A 309 32.06 8.22 -1.62
CA VAL A 309 31.47 8.46 -2.93
C VAL A 309 31.86 7.34 -3.89
N VAL A 310 33.13 6.95 -3.89
CA VAL A 310 33.57 5.88 -4.77
C VAL A 310 32.83 4.59 -4.44
N ASN A 311 32.72 4.27 -3.14
CA ASN A 311 32.00 3.06 -2.76
C ASN A 311 30.53 3.15 -3.19
N GLY A 312 29.90 4.30 -2.94
CA GLY A 312 28.50 4.45 -3.30
C GLY A 312 28.26 4.31 -4.79
N ALA A 313 29.17 4.85 -5.61
CA ALA A 313 28.95 4.84 -7.06
C ALA A 313 29.28 3.50 -7.69
N PHE A 314 30.19 2.72 -7.11
CA PHE A 314 30.78 1.60 -7.84
C PHE A 314 30.71 0.25 -7.15
N TRP A 315 30.32 0.20 -5.88
CA TRP A 315 30.00 -1.08 -5.25
C TRP A 315 29.06 -1.89 -6.13
N ASN A 316 29.33 -3.20 -6.25
CA ASN A 316 28.58 -4.08 -7.14
C ASN A 316 28.50 -3.52 -8.57
N MET A 317 29.57 -2.86 -9.03
CA MET A 317 29.66 -2.34 -10.40
C MET A 317 28.57 -1.32 -10.70
N GLY A 318 27.99 -0.70 -9.67
CA GLY A 318 26.91 0.23 -9.88
C GLY A 318 25.58 -0.43 -10.14
N GLU A 319 25.53 -1.76 -10.11
CA GLU A 319 24.28 -2.50 -10.30
C GLU A 319 23.58 -2.57 -8.95
N ASN A 320 23.08 -1.41 -8.54
CA ASN A 320 22.67 -1.20 -7.16
C ASN A 320 21.59 -0.13 -7.14
N CYS A 321 20.43 -0.47 -6.58
N CYS A 321 20.43 -0.49 -6.58
CA CYS A 321 19.32 0.48 -6.53
CA CYS A 321 19.32 0.45 -6.50
C CYS A 321 19.68 1.69 -5.66
C CYS A 321 19.69 1.68 -5.67
N SER A 322 20.51 1.49 -4.65
CA SER A 322 20.92 2.57 -3.77
C SER A 322 22.20 3.29 -4.23
N ALA A 323 22.72 2.96 -5.41
CA ALA A 323 24.03 3.47 -5.83
C ALA A 323 24.02 4.99 -6.00
N SER A 324 25.11 5.63 -5.58
CA SER A 324 25.33 7.05 -5.85
C SER A 324 25.58 7.26 -7.33
N SER A 325 24.64 7.90 -8.03
CA SER A 325 24.82 8.19 -9.45
C SER A 325 24.86 9.68 -9.81
N ARG A 326 24.51 10.59 -8.90
CA ARG A 326 24.64 12.03 -9.14
C ARG A 326 25.47 12.64 -8.02
N LEU A 327 26.74 12.90 -8.28
CA LEU A 327 27.56 13.63 -7.33
C LEU A 327 27.28 15.11 -7.48
N ILE A 328 26.73 15.69 -6.42
CA ILE A 328 26.31 17.08 -6.40
C ILE A 328 27.22 17.78 -5.39
N VAL A 329 28.22 18.50 -5.90
CA VAL A 329 29.38 18.89 -5.11
C VAL A 329 29.57 20.39 -5.15
N HIS A 330 29.92 20.96 -3.99
CA HIS A 330 30.13 22.39 -3.90
C HIS A 330 31.30 22.81 -4.78
N ALA A 331 31.10 23.91 -5.51
CA ALA A 331 32.07 24.38 -6.50
C ALA A 331 33.48 24.56 -5.93
N GLU A 332 33.61 24.93 -4.65
CA GLU A 332 34.94 25.16 -4.11
C GLU A 332 35.71 23.89 -3.78
N VAL A 333 35.06 22.73 -3.70
CA VAL A 333 35.76 21.49 -3.38
C VAL A 333 35.68 20.46 -4.50
N ARG A 334 35.01 20.78 -5.62
CA ARG A 334 34.86 19.83 -6.72
C ARG A 334 36.21 19.25 -7.16
N GLU A 335 37.15 20.13 -7.52
CA GLU A 335 38.43 19.68 -8.03
C GLU A 335 39.19 18.86 -6.99
N ALA A 336 39.28 19.39 -5.76
CA ALA A 336 39.97 18.65 -4.71
C ALA A 336 39.35 17.29 -4.48
N LEU A 337 38.01 17.20 -4.59
CA LEU A 337 37.33 15.93 -4.42
C LEU A 337 37.60 15.00 -5.61
N LEU A 338 37.55 15.53 -6.84
CA LEU A 338 37.80 14.68 -8.01
C LEU A 338 39.19 14.06 -7.95
N GLU A 339 40.19 14.82 -7.49
CA GLU A 339 41.54 14.29 -7.33
C GLU A 339 41.55 13.10 -6.39
N ARG A 340 40.94 13.25 -5.20
CA ARG A 340 40.95 12.15 -4.25
C ARG A 340 40.11 10.98 -4.73
N ILE A 341 39.10 11.24 -5.58
CA ILE A 341 38.31 10.13 -6.14
C ILE A 341 39.17 9.31 -7.09
N GLY A 342 39.92 9.98 -7.98
CA GLY A 342 40.82 9.25 -8.86
C GLY A 342 41.81 8.38 -8.12
N ALA A 343 42.37 8.89 -7.03
CA ALA A 343 43.31 8.11 -6.23
C ALA A 343 42.64 6.90 -5.57
N GLN A 344 41.41 7.06 -5.07
CA GLN A 344 40.68 5.93 -4.48
C GLN A 344 40.44 4.84 -5.51
N LEU A 345 40.18 5.24 -6.76
CA LEU A 345 39.85 4.29 -7.82
C LEU A 345 40.99 3.34 -8.13
N ARG A 346 42.24 3.77 -7.89
CA ARG A 346 43.38 2.87 -8.07
C ARG A 346 43.27 1.63 -7.19
N GLU A 347 42.48 1.68 -6.13
CA GLU A 347 42.30 0.55 -5.24
C GLU A 347 41.21 -0.41 -5.69
N TRP A 348 40.58 -0.17 -6.85
CA TRP A 348 39.40 -0.92 -7.27
C TRP A 348 39.76 -1.75 -8.51
N ARG A 349 40.19 -2.99 -8.26
CA ARG A 349 40.56 -3.93 -9.30
C ARG A 349 39.34 -4.63 -9.89
N MET A 350 39.30 -4.71 -11.21
CA MET A 350 38.18 -5.28 -11.92
C MET A 350 38.67 -6.44 -12.80
N GLY A 351 37.95 -7.54 -12.80
CA GLY A 351 38.24 -8.62 -13.73
C GLY A 351 37.50 -9.91 -13.35
N ASP A 352 38.12 -11.03 -13.74
CA ASP A 352 37.73 -12.39 -13.41
C ASP A 352 37.01 -12.48 -12.06
N PRO A 353 35.68 -12.60 -12.05
CA PRO A 353 34.93 -12.59 -10.78
C PRO A 353 35.38 -13.64 -9.77
N LEU A 354 36.10 -14.69 -10.19
CA LEU A 354 36.59 -15.67 -9.24
C LEU A 354 37.99 -15.35 -8.72
N ASP A 355 38.60 -14.29 -9.21
CA ASP A 355 39.86 -13.80 -8.64
C ASP A 355 39.54 -12.97 -7.40
N PRO A 356 39.90 -13.44 -6.20
CA PRO A 356 39.51 -12.72 -4.97
C PRO A 356 40.12 -11.33 -4.87
N ARG A 357 41.09 -10.99 -5.71
CA ARG A 357 41.69 -9.67 -5.72
C ARG A 357 40.76 -8.59 -6.30
N ASN A 358 39.63 -8.97 -6.89
CA ASN A 358 38.78 -8.05 -7.62
C ASN A 358 37.62 -7.59 -6.74
N ARG A 359 37.44 -6.28 -6.64
CA ARG A 359 36.24 -5.70 -6.04
C ARG A 359 35.15 -5.49 -7.06
N LEU A 360 35.49 -5.58 -8.35
CA LEU A 360 34.57 -5.38 -9.45
C LEU A 360 34.57 -6.62 -10.31
N GLY A 361 33.38 -7.14 -10.59
CA GLY A 361 33.23 -8.26 -11.50
C GLY A 361 32.60 -7.86 -12.84
N ALA A 362 31.97 -8.82 -13.50
CA ALA A 362 31.34 -8.57 -14.79
C ALA A 362 29.91 -8.05 -14.60
N LEU A 363 29.45 -7.26 -15.57
CA LEU A 363 28.04 -6.91 -15.60
C LEU A 363 27.23 -8.16 -15.90
N VAL A 364 25.90 -8.08 -15.71
CA VAL A 364 25.09 -9.30 -15.59
C VAL A 364 24.89 -10.00 -16.94
N SER A 365 24.95 -9.27 -18.05
CA SER A 365 24.54 -9.86 -19.30
C SER A 365 24.96 -8.96 -20.45
N PRO A 366 25.21 -9.52 -21.65
CA PRO A 366 25.45 -8.69 -22.83
C PRO A 366 24.45 -7.56 -23.01
N ALA A 367 23.17 -7.82 -22.79
CA ALA A 367 22.15 -6.78 -22.98
C ALA A 367 22.29 -5.66 -21.97
N HIS A 368 22.53 -5.98 -20.68
CA HIS A 368 22.76 -4.91 -19.72
C HIS A 368 24.05 -4.16 -20.02
N PHE A 369 25.11 -4.88 -20.38
CA PHE A 369 26.35 -4.23 -20.80
C PHE A 369 26.09 -3.22 -21.91
N GLU A 370 25.21 -3.56 -22.84
CA GLU A 370 24.93 -2.65 -23.94
C GLU A 370 24.17 -1.42 -23.46
N LYS A 371 23.29 -1.58 -22.47
CA LYS A 371 22.56 -0.42 -21.95
C LYS A 371 23.49 0.55 -21.23
N VAL A 372 24.38 0.03 -20.37
CA VAL A 372 25.35 0.88 -19.69
C VAL A 372 26.24 1.59 -20.70
N ARG A 373 26.80 0.82 -21.65
CA ARG A 373 27.73 1.39 -22.62
C ARG A 373 27.04 2.45 -23.48
N ALA A 374 25.72 2.35 -23.66
CA ALA A 374 25.00 3.36 -24.43
C ALA A 374 25.05 4.72 -23.74
N TYR A 375 25.18 4.75 -22.41
CA TYR A 375 25.31 6.02 -21.70
C TYR A 375 26.73 6.58 -21.77
N LEU A 376 27.74 5.70 -21.88
CA LEU A 376 29.06 6.17 -22.30
C LEU A 376 28.96 6.91 -23.63
N ASP A 377 28.27 6.32 -24.61
CA ASP A 377 28.12 6.99 -25.89
C ASP A 377 27.38 8.31 -25.75
N GLN A 378 26.30 8.30 -24.96
CA GLN A 378 25.50 9.52 -24.74
C GLN A 378 26.33 10.63 -24.11
N ALA A 379 27.21 10.29 -23.16
CA ALA A 379 28.10 11.30 -22.61
C ALA A 379 28.93 11.95 -23.71
N ARG A 380 29.50 11.14 -24.61
CA ARG A 380 30.34 11.68 -25.67
C ARG A 380 29.51 12.47 -26.67
N THR A 381 28.32 11.99 -27.01
CA THR A 381 27.39 12.77 -27.82
C THR A 381 27.15 14.15 -27.21
N GLU A 382 26.94 14.22 -25.89
CA GLU A 382 26.70 15.52 -25.28
C GLU A 382 27.98 16.29 -25.04
N ARG A 383 29.13 15.75 -25.45
CA ARG A 383 30.41 16.47 -25.40
C ARG A 383 30.81 16.75 -23.95
N LEU A 384 30.46 15.83 -23.06
CA LEU A 384 30.78 15.95 -21.64
C LEU A 384 32.19 15.44 -21.37
N ALA A 385 32.80 15.99 -20.32
CA ALA A 385 34.17 15.62 -19.96
C ALA A 385 34.18 14.31 -19.18
N VAL A 386 34.81 13.27 -19.73
CA VAL A 386 34.94 12.00 -19.02
C VAL A 386 36.26 12.07 -18.26
N ARG A 387 36.17 12.36 -16.97
CA ARG A 387 37.34 12.66 -16.17
C ARG A 387 38.08 11.39 -15.76
N PHE A 388 37.35 10.30 -15.50
CA PHE A 388 37.97 9.02 -15.12
C PHE A 388 37.22 7.90 -15.80
N GLY A 389 37.95 6.84 -16.12
CA GLY A 389 37.34 5.68 -16.70
C GLY A 389 36.99 5.86 -18.17
N GLY A 390 35.94 5.15 -18.59
CA GLY A 390 35.44 5.22 -19.94
C GLY A 390 35.71 3.99 -20.78
N ALA A 391 36.36 2.97 -20.25
CA ALA A 391 36.80 1.82 -21.02
C ALA A 391 35.89 0.61 -20.82
N THR A 392 35.90 -0.27 -21.81
CA THR A 392 35.22 -1.56 -21.71
C THR A 392 36.21 -2.69 -21.99
N GLU A 393 35.89 -3.86 -21.48
CA GLU A 393 36.70 -5.06 -21.65
C GLU A 393 35.81 -6.26 -21.88
N ALA A 394 36.25 -7.13 -22.78
CA ALA A 394 35.66 -8.45 -22.97
C ALA A 394 34.15 -8.39 -23.24
N GLY A 395 33.66 -7.23 -23.67
CA GLY A 395 32.24 -7.07 -23.93
C GLY A 395 31.35 -7.31 -22.73
N ILE A 396 31.86 -7.16 -21.51
CA ILE A 396 31.07 -7.44 -20.32
C ILE A 396 31.57 -6.66 -19.09
N PHE A 397 32.70 -5.97 -19.20
CA PHE A 397 33.25 -5.16 -18.11
C PHE A 397 33.25 -3.70 -18.50
N VAL A 398 32.70 -2.85 -17.63
CA VAL A 398 32.79 -1.40 -17.78
C VAL A 398 33.64 -0.86 -16.64
N GLU A 399 34.63 -0.04 -17.00
CA GLU A 399 35.46 0.67 -16.03
C GLU A 399 34.61 1.64 -15.20
N PRO A 400 34.92 1.81 -13.88
CA PRO A 400 34.31 2.93 -13.14
C PRO A 400 34.59 4.25 -13.82
N THR A 401 33.53 4.97 -14.16
CA THR A 401 33.61 6.15 -14.99
C THR A 401 33.02 7.35 -14.24
N VAL A 402 33.70 8.50 -14.35
CA VAL A 402 33.27 9.74 -13.73
C VAL A 402 33.16 10.79 -14.82
N VAL A 403 31.95 11.36 -14.98
CA VAL A 403 31.65 12.35 -16.02
C VAL A 403 31.40 13.69 -15.34
N ASP A 404 32.20 14.69 -15.69
CA ASP A 404 32.15 16.03 -15.11
C ASP A 404 31.30 16.96 -15.96
N GLY A 405 30.74 17.98 -15.33
CA GLY A 405 29.95 18.98 -16.03
C GLY A 405 28.58 18.54 -16.51
N VAL A 406 27.87 17.74 -15.72
CA VAL A 406 26.57 17.20 -16.10
C VAL A 406 25.47 18.11 -15.58
N SER A 407 24.74 18.76 -16.48
CA SER A 407 23.64 19.62 -16.11
C SER A 407 22.34 18.83 -15.95
N PRO A 408 21.34 19.39 -15.27
CA PRO A 408 20.10 18.63 -15.05
C PRO A 408 19.37 18.23 -16.33
N HIS A 409 19.67 18.87 -17.46
CA HIS A 409 19.03 18.53 -18.71
C HIS A 409 19.65 17.32 -19.41
N SER A 410 20.86 16.92 -19.01
CA SER A 410 21.49 15.74 -19.57
C SER A 410 20.67 14.48 -19.29
N ARG A 411 20.68 13.56 -20.26
CA ARG A 411 20.07 12.25 -20.04
C ARG A 411 20.83 11.43 -18.99
N LEU A 412 22.11 11.73 -18.77
CA LEU A 412 22.86 11.05 -17.73
C LEU A 412 22.44 11.51 -16.34
N PHE A 413 21.95 12.75 -16.24
CA PHE A 413 21.43 13.27 -14.98
C PHE A 413 20.10 12.65 -14.62
N ARG A 414 19.27 12.34 -15.62
CA ARG A 414 17.85 12.07 -15.39
C ARG A 414 17.49 10.59 -15.46
N GLU A 415 18.32 9.74 -16.03
CA GLU A 415 17.92 8.37 -16.30
C GLU A 415 18.77 7.38 -15.51
N GLU A 416 18.11 6.35 -14.98
CA GLU A 416 18.82 5.29 -14.27
C GLU A 416 19.68 4.45 -15.22
N ILE A 417 20.99 4.48 -14.99
CA ILE A 417 21.92 3.71 -15.81
C ILE A 417 22.14 2.31 -15.26
N PHE A 418 22.21 2.19 -13.94
CA PHE A 418 22.40 0.91 -13.25
C PHE A 418 23.75 0.27 -13.61
N GLY A 419 24.78 1.11 -13.74
CA GLY A 419 26.13 0.66 -14.01
C GLY A 419 27.15 1.60 -13.38
N PRO A 420 28.44 1.35 -13.62
CA PRO A 420 29.50 2.10 -12.91
C PRO A 420 29.79 3.47 -13.52
N LEU A 421 28.79 4.35 -13.49
CA LEU A 421 28.89 5.64 -14.17
C LEU A 421 28.37 6.75 -13.22
N LEU A 422 29.27 7.64 -12.79
CA LEU A 422 28.96 8.70 -11.84
C LEU A 422 28.93 10.04 -12.56
N SER A 423 27.80 10.76 -12.48
CA SER A 423 27.68 12.12 -12.99
C SER A 423 28.06 13.14 -11.90
N VAL A 424 28.66 14.26 -12.33
CA VAL A 424 29.13 15.29 -11.41
C VAL A 424 28.53 16.63 -11.81
N THR A 425 27.87 17.29 -10.84
CA THR A 425 27.23 18.58 -11.00
C THR A 425 27.66 19.52 -9.87
N SER A 426 28.03 20.75 -10.22
CA SER A 426 28.46 21.72 -9.22
C SER A 426 27.29 22.54 -8.71
N PHE A 427 27.44 23.07 -7.49
CA PHE A 427 26.49 24.03 -6.94
C PHE A 427 27.24 25.10 -6.16
N ASP A 428 26.54 26.19 -5.87
CA ASP A 428 27.12 27.35 -5.19
C ASP A 428 26.59 27.58 -3.79
N ASP A 429 25.34 27.21 -3.50
CA ASP A 429 24.83 27.28 -2.15
C ASP A 429 23.92 26.08 -1.87
N ILE A 430 23.63 25.85 -0.59
CA ILE A 430 22.92 24.64 -0.19
C ILE A 430 21.50 24.62 -0.75
N ASP A 431 20.91 25.77 -1.04
CA ASP A 431 19.56 25.74 -1.58
C ASP A 431 19.55 25.17 -2.99
N GLU A 432 20.63 25.38 -3.73
CA GLU A 432 20.75 24.82 -5.06
C GLU A 432 21.08 23.33 -4.99
N ALA A 433 21.94 22.93 -4.05
CA ALA A 433 22.22 21.52 -3.85
C ALA A 433 20.95 20.74 -3.58
N ILE A 434 20.08 21.26 -2.69
CA ILE A 434 18.86 20.52 -2.35
C ILE A 434 17.92 20.48 -3.55
N ALA A 435 17.80 21.60 -4.27
CA ALA A 435 16.94 21.61 -5.45
C ALA A 435 17.44 20.60 -6.48
N LEU A 436 18.76 20.57 -6.71
CA LEU A 436 19.34 19.60 -7.63
C LEU A 436 19.06 18.19 -7.16
N ALA A 437 19.27 17.94 -5.87
CA ALA A 437 19.10 16.60 -5.32
C ALA A 437 17.68 16.09 -5.53
N ASN A 438 16.70 16.97 -5.47
CA ASN A 438 15.31 16.59 -5.63
C ASN A 438 14.82 16.67 -7.07
N ASP A 439 15.64 17.14 -8.00
CA ASP A 439 15.27 17.25 -9.40
C ASP A 439 15.35 15.88 -10.08
N THR A 440 14.39 15.02 -9.74
CA THR A 440 14.31 13.66 -10.24
C THR A 440 12.89 13.19 -10.02
N VAL A 441 12.46 12.21 -10.83
CA VAL A 441 11.19 11.56 -10.54
C VAL A 441 11.34 10.45 -9.52
N TYR A 442 12.59 10.13 -9.16
CA TYR A 442 12.89 9.06 -8.22
C TYR A 442 13.05 9.62 -6.80
N GLY A 443 13.30 8.72 -5.86
CA GLY A 443 13.44 9.08 -4.46
C GLY A 443 13.76 7.89 -3.57
N LEU A 444 14.76 7.10 -3.97
CA LEU A 444 15.10 5.88 -3.25
C LEU A 444 16.07 6.16 -2.09
N ALA A 445 17.20 6.79 -2.38
CA ALA A 445 18.25 6.97 -1.38
C ALA A 445 19.00 8.26 -1.69
N ALA A 446 19.84 8.66 -0.75
CA ALA A 446 20.64 9.87 -0.86
C ALA A 446 21.77 9.81 0.18
N SER A 447 22.88 10.48 -0.12
CA SER A 447 23.93 10.67 0.85
C SER A 447 24.31 12.16 0.90
N ALA A 448 24.70 12.61 2.10
CA ALA A 448 25.05 14.00 2.31
C ALA A 448 26.29 14.07 3.20
N TYR A 449 27.19 14.99 2.88
CA TYR A 449 28.48 15.10 3.54
C TYR A 449 28.66 16.56 3.94
N THR A 450 28.86 16.79 5.25
CA THR A 450 28.98 18.13 5.77
C THR A 450 29.47 18.05 7.20
N GLY A 451 30.22 19.07 7.62
CA GLY A 451 30.64 19.16 9.02
C GLY A 451 29.69 19.91 9.92
N SER A 452 28.71 20.57 9.33
CA SER A 452 27.81 21.50 10.00
C SER A 452 26.51 20.82 10.44
N LEU A 453 26.16 20.99 11.72
CA LEU A 453 24.87 20.51 12.21
C LEU A 453 23.72 21.12 11.42
N ARG A 454 23.75 22.45 11.24
CA ARG A 454 22.72 23.16 10.48
C ARG A 454 22.55 22.55 9.09
N HIS A 455 23.66 22.35 8.38
CA HIS A 455 23.55 21.84 7.02
C HIS A 455 23.07 20.40 7.01
N ALA A 456 23.54 19.59 7.96
CA ALA A 456 23.14 18.19 8.00
C ALA A 456 21.64 18.04 8.25
N LEU A 457 21.08 18.88 9.13
CA LEU A 457 19.64 18.80 9.38
C LEU A 457 18.85 19.20 8.13
N ARG A 458 19.27 20.27 7.46
CA ARG A 458 18.64 20.66 6.20
C ARG A 458 18.66 19.52 5.18
N LEU A 459 19.85 18.98 4.90
CA LEU A 459 19.97 17.99 3.84
C LEU A 459 19.18 16.72 4.17
N SER A 460 19.20 16.27 5.43
CA SER A 460 18.51 15.02 5.72
C SER A 460 17.00 15.20 5.80
N ARG A 461 16.52 16.38 6.17
CA ARG A 461 15.09 16.59 6.24
C ARG A 461 14.47 17.01 4.90
N GLU A 462 15.22 17.69 4.03
CA GLU A 462 14.59 18.23 2.83
C GLU A 462 14.80 17.41 1.56
N ILE A 463 15.74 16.46 1.55
CA ILE A 463 15.86 15.56 0.41
C ILE A 463 14.77 14.51 0.48
N ARG A 464 14.01 14.35 -0.60
CA ARG A 464 12.84 13.46 -0.60
C ARG A 464 13.25 12.07 -1.06
N ALA A 465 13.77 11.28 -0.12
CA ALA A 465 14.25 9.94 -0.40
C ALA A 465 13.97 9.06 0.80
N GLY A 466 13.87 7.74 0.56
CA GLY A 466 13.52 6.78 1.60
C GLY A 466 14.63 6.53 2.61
N ILE A 467 15.87 6.84 2.25
CA ILE A 467 16.96 6.92 3.23
C ILE A 467 17.87 8.07 2.83
N VAL A 468 18.35 8.82 3.84
CA VAL A 468 19.41 9.80 3.68
C VAL A 468 20.51 9.43 4.68
N THR A 469 21.69 9.08 4.17
CA THR A 469 22.82 8.82 5.02
C THR A 469 23.68 10.08 5.11
N VAL A 470 24.22 10.34 6.28
CA VAL A 470 24.97 11.57 6.51
C VAL A 470 26.41 11.21 6.87
N ASN A 471 27.36 11.74 6.09
CA ASN A 471 28.79 11.52 6.28
C ASN A 471 29.18 10.04 6.17
N CYS A 472 28.38 9.28 5.43
CA CYS A 472 28.69 7.91 5.04
C CYS A 472 27.74 7.55 3.90
N PHE A 473 28.04 6.43 3.24
CA PHE A 473 27.15 5.87 2.22
C PHE A 473 26.58 4.55 2.69
N GLY A 474 25.33 4.27 2.34
CA GLY A 474 24.80 2.95 2.63
C GLY A 474 23.29 2.90 2.51
N GLU A 475 22.75 1.78 3.02
CA GLU A 475 21.33 1.48 2.95
C GLU A 475 20.74 1.22 4.34
N GLY A 476 21.42 1.64 5.40
CA GLY A 476 20.97 1.31 6.74
C GLY A 476 21.44 -0.07 7.15
N ASP A 477 20.66 -0.72 8.01
CA ASP A 477 20.99 -2.08 8.43
C ASP A 477 19.69 -2.88 8.49
N ALA A 478 19.75 -4.05 9.12
CA ALA A 478 18.63 -4.98 9.10
C ALA A 478 17.38 -4.38 9.74
N SER A 479 17.54 -3.35 10.57
CA SER A 479 16.43 -2.81 11.34
C SER A 479 15.85 -1.53 10.75
N THR A 480 16.44 -0.97 9.69
CA THR A 480 15.93 0.27 9.11
C THR A 480 15.22 0.01 7.80
N PRO A 481 14.05 0.61 7.58
CA PRO A 481 13.29 0.34 6.35
C PRO A 481 13.95 0.96 5.13
N PHE A 482 13.77 0.29 3.99
CA PHE A 482 14.36 0.69 2.72
C PHE A 482 13.32 0.64 1.61
N GLY A 483 13.29 1.67 0.78
CA GLY A 483 12.20 1.85 -0.16
C GLY A 483 12.11 3.28 -0.63
N GLY A 484 11.29 3.50 -1.65
CA GLY A 484 11.34 4.72 -2.45
C GLY A 484 10.14 5.63 -2.28
N TYR A 485 10.40 6.94 -2.25
CA TYR A 485 9.44 7.98 -2.56
C TYR A 485 9.17 7.99 -4.05
N LYS A 486 8.05 8.60 -4.45
CA LYS A 486 7.76 8.95 -5.85
C LYS A 486 7.86 7.68 -6.71
N GLU A 487 8.58 7.71 -7.83
CA GLU A 487 8.58 6.57 -8.74
C GLU A 487 9.59 5.51 -8.36
N SER A 488 10.26 5.63 -7.21
CA SER A 488 11.17 4.61 -6.74
C SER A 488 10.50 3.53 -5.90
N GLY A 489 9.20 3.66 -5.61
CA GLY A 489 8.52 2.61 -4.89
C GLY A 489 7.04 2.88 -4.78
N PHE A 490 6.33 1.85 -4.32
CA PHE A 490 4.88 1.87 -4.21
C PHE A 490 4.48 0.99 -3.02
N GLY A 491 3.90 1.60 -1.98
CA GLY A 491 3.13 0.85 -1.00
C GLY A 491 3.88 0.13 0.12
N GLY A 492 5.21 0.22 0.21
CA GLY A 492 5.85 -0.47 1.32
C GLY A 492 7.34 -0.23 1.43
N ARG A 493 7.97 -1.02 2.32
CA ARG A 493 9.38 -0.93 2.66
C ARG A 493 9.93 -2.32 2.93
N ASP A 494 11.16 -2.57 2.50
CA ASP A 494 11.86 -3.80 2.81
C ASP A 494 12.80 -3.56 4.00
N LYS A 495 13.16 -4.66 4.68
CA LYS A 495 13.89 -4.65 5.95
C LYS A 495 13.04 -4.06 7.06
N SER A 496 13.55 -4.09 8.29
CA SER A 496 12.93 -3.49 9.48
C SER A 496 11.62 -4.18 9.82
N VAL A 497 11.01 -3.76 10.92
CA VAL A 497 9.72 -4.31 11.32
C VAL A 497 8.60 -3.93 10.34
N TRP A 498 8.79 -2.87 9.56
CA TRP A 498 7.72 -2.43 8.68
C TRP A 498 7.56 -3.34 7.46
N ALA A 499 8.57 -4.17 7.15
CA ALA A 499 8.43 -5.17 6.10
C ALA A 499 7.29 -6.13 6.41
N HIS A 500 7.06 -6.37 7.70
CA HIS A 500 5.97 -7.23 8.16
C HIS A 500 4.62 -6.72 7.68
N ASP A 501 4.47 -5.40 7.49
CA ASP A 501 3.19 -4.85 7.06
C ASP A 501 2.85 -5.31 5.66
N GLN A 502 3.88 -5.56 4.83
CA GLN A 502 3.63 -5.95 3.44
C GLN A 502 2.77 -7.19 3.37
N TYR A 503 2.97 -8.14 4.29
CA TYR A 503 2.45 -9.49 4.16
C TYR A 503 1.33 -9.79 5.14
N THR A 504 0.75 -8.77 5.79
CA THR A 504 -0.31 -8.99 6.76
C THR A 504 -1.49 -8.04 6.52
N GLU A 505 -2.68 -8.48 6.96
CA GLU A 505 -3.89 -7.67 7.01
C GLU A 505 -4.19 -7.25 8.45
N LEU A 506 -4.70 -6.04 8.63
CA LEU A 506 -5.13 -5.57 9.94
C LEU A 506 -6.57 -5.98 10.16
N LYS A 507 -6.87 -6.56 11.32
CA LYS A 507 -8.23 -6.90 11.71
C LYS A 507 -8.56 -6.25 13.04
N THR A 508 -9.68 -5.55 13.10
CA THR A 508 -10.25 -5.12 14.38
C THR A 508 -11.22 -6.19 14.87
N ILE A 509 -10.94 -6.77 16.03
CA ILE A 509 -11.86 -7.66 16.71
C ILE A 509 -12.50 -6.87 17.84
N TRP A 510 -13.81 -6.61 17.74
CA TRP A 510 -14.54 -5.79 18.69
C TRP A 510 -15.55 -6.67 19.44
N ILE A 511 -15.28 -6.91 20.71
CA ILE A 511 -16.10 -7.79 21.55
C ILE A 511 -16.92 -6.93 22.50
N ASP A 512 -18.24 -6.96 22.33
CA ASP A 512 -19.11 -6.31 23.28
C ASP A 512 -18.96 -6.93 24.66
N ALA A 513 -19.11 -6.10 25.68
CA ALA A 513 -18.94 -6.54 27.06
C ALA A 513 -19.80 -5.68 27.98
N SER A 514 -21.02 -5.35 27.55
CA SER A 514 -21.81 -4.28 28.15
C SER A 514 -22.78 -4.78 29.22
N MET B 19 -27.51 13.76 23.22
CA MET B 19 -28.35 13.54 22.04
C MET B 19 -29.18 14.78 21.72
N THR B 20 -28.74 15.50 20.69
CA THR B 20 -29.34 16.79 20.31
C THR B 20 -30.82 16.62 19.93
N GLU B 21 -31.60 17.70 20.11
CA GLU B 21 -33.06 17.67 20.06
C GLU B 21 -33.58 17.83 18.63
N LEU B 22 -34.39 16.87 18.17
CA LEU B 22 -34.93 16.92 16.82
C LEU B 22 -35.99 18.01 16.67
N LEU B 23 -36.05 18.60 15.48
CA LEU B 23 -37.03 19.61 15.10
C LEU B 23 -38.25 18.97 14.44
N SER B 24 -39.24 19.80 14.13
CA SER B 24 -40.40 19.35 13.38
C SER B 24 -40.12 19.33 11.87
N ARG B 25 -40.86 18.47 11.17
CA ARG B 25 -40.80 18.42 9.70
C ARG B 25 -40.87 19.81 9.07
N GLU B 26 -41.78 20.64 9.56
CA GLU B 26 -41.93 21.98 9.02
C GLU B 26 -40.69 22.80 9.31
N GLU B 27 -40.11 22.61 10.50
CA GLU B 27 -38.95 23.39 10.91
C GLU B 27 -37.74 23.07 10.03
N TYR B 28 -37.53 21.79 9.73
CA TYR B 28 -36.47 21.42 8.80
C TYR B 28 -36.74 21.99 7.42
N ALA B 29 -38.00 21.92 6.98
CA ALA B 29 -38.35 22.52 5.69
C ALA B 29 -38.03 24.00 5.66
N ALA B 30 -38.14 24.69 6.79
CA ALA B 30 -37.86 26.11 6.81
C ALA B 30 -36.37 26.39 6.75
N ILE B 31 -35.56 25.55 7.41
CA ILE B 31 -34.12 25.66 7.26
C ILE B 31 -33.72 25.42 5.81
N ALA B 32 -34.34 24.42 5.18
CA ALA B 32 -34.04 24.08 3.79
C ALA B 32 -34.38 25.23 2.86
N ALA B 33 -35.48 25.93 3.12
CA ALA B 33 -35.92 27.00 2.24
C ALA B 33 -35.01 28.22 2.32
N THR B 34 -34.18 28.32 3.36
CA THR B 34 -33.30 29.45 3.54
C THR B 34 -31.85 29.17 3.17
N LEU B 35 -31.50 27.94 2.80
CA LEU B 35 -30.10 27.62 2.57
C LEU B 35 -29.59 28.27 1.29
N ASP B 36 -28.40 28.86 1.38
CA ASP B 36 -27.69 29.34 0.20
C ASP B 36 -26.70 28.27 -0.25
N LEU B 37 -27.14 27.40 -1.16
CA LEU B 37 -26.36 26.20 -1.45
C LEU B 37 -25.10 26.56 -2.22
N PRO B 38 -23.95 25.99 -1.86
CA PRO B 38 -22.74 26.22 -2.64
C PRO B 38 -22.88 25.59 -4.02
N GLN B 39 -22.18 26.18 -4.99
CA GLN B 39 -22.34 25.82 -6.39
C GLN B 39 -21.04 25.69 -7.14
N ARG B 40 -19.96 26.26 -6.63
CA ARG B 40 -18.73 26.45 -7.37
C ARG B 40 -17.64 25.56 -6.80
N ALA B 41 -16.69 25.20 -7.65
CA ALA B 41 -15.49 24.55 -7.15
C ALA B 41 -14.86 25.42 -6.07
N PHE B 42 -14.21 24.77 -5.09
CA PHE B 42 -13.47 25.50 -4.09
C PHE B 42 -12.00 25.24 -4.31
N ILE B 43 -11.29 26.26 -4.77
CA ILE B 43 -9.90 26.13 -5.21
C ILE B 43 -9.13 27.33 -4.67
N ASP B 44 -7.99 27.06 -4.04
CA ASP B 44 -7.08 28.09 -3.56
C ASP B 44 -7.78 29.12 -2.68
N GLY B 45 -8.52 28.62 -1.69
CA GLY B 45 -9.08 29.48 -0.67
C GLY B 45 -10.35 30.20 -1.04
N GLY B 46 -10.96 29.89 -2.18
CA GLY B 46 -12.21 30.55 -2.52
C GLY B 46 -12.95 29.83 -3.63
N PHE B 47 -14.18 30.30 -3.87
CA PHE B 47 -15.04 29.71 -4.89
C PHE B 47 -14.72 30.25 -6.28
N ARG B 48 -14.87 29.38 -7.28
CA ARG B 48 -14.66 29.77 -8.66
C ARG B 48 -15.42 28.82 -9.58
N ASP B 49 -15.70 29.31 -10.79
CA ASP B 49 -16.42 28.53 -11.77
C ASP B 49 -15.49 27.57 -12.47
N ALA B 50 -16.06 26.58 -13.15
CA ALA B 50 -15.22 25.76 -14.01
C ALA B 50 -14.76 26.60 -15.19
N CYS B 51 -13.54 26.31 -15.67
CA CYS B 51 -12.97 27.08 -16.78
C CYS B 51 -13.85 27.05 -18.02
N GLY B 52 -14.41 25.88 -18.34
CA GLY B 52 -15.28 25.78 -19.48
C GLY B 52 -16.67 26.30 -19.26
N GLY B 53 -16.98 26.72 -18.04
CA GLY B 53 -18.30 27.23 -17.71
C GLY B 53 -19.41 26.21 -17.64
N ARG B 54 -19.09 24.92 -17.69
CA ARG B 54 -20.15 23.92 -17.62
C ARG B 54 -20.65 23.75 -16.20
N THR B 55 -21.89 23.25 -16.08
CA THR B 55 -22.44 22.83 -14.79
C THR B 55 -23.19 21.52 -14.95
N PHE B 56 -23.54 20.90 -13.83
CA PHE B 56 -24.43 19.75 -13.81
C PHE B 56 -25.48 19.99 -12.73
N ALA B 57 -26.61 19.30 -12.88
CA ALA B 57 -27.77 19.54 -12.03
C ALA B 57 -27.75 18.59 -10.84
N SER B 58 -27.58 19.14 -9.66
CA SER B 58 -27.77 18.41 -8.42
C SER B 58 -29.21 18.57 -7.99
N THR B 59 -29.93 17.44 -7.88
CA THR B 59 -31.35 17.44 -7.55
C THR B 59 -31.64 16.63 -6.28
N ASN B 60 -32.69 17.01 -5.58
CA ASN B 60 -33.14 16.28 -4.40
C ASN B 60 -33.72 14.93 -4.82
N PRO B 61 -33.08 13.80 -4.50
CA PRO B 61 -33.60 12.51 -5.02
C PRO B 61 -34.99 12.15 -4.53
N ALA B 62 -35.46 12.77 -3.44
CA ALA B 62 -36.80 12.47 -2.97
C ALA B 62 -37.89 13.25 -3.71
N THR B 63 -37.55 14.35 -4.38
CA THR B 63 -38.55 15.17 -5.02
C THR B 63 -38.33 15.38 -6.51
N GLY B 64 -37.10 15.27 -6.99
CA GLY B 64 -36.75 15.70 -8.33
C GLY B 64 -36.44 17.18 -8.47
N GLU B 65 -36.56 17.97 -7.41
CA GLU B 65 -36.32 19.40 -7.52
C GLU B 65 -34.84 19.72 -7.65
N LEU B 66 -34.54 20.72 -8.48
CA LEU B 66 -33.16 21.18 -8.62
C LEU B 66 -32.70 21.86 -7.33
N LEU B 67 -31.53 21.48 -6.85
CA LEU B 67 -30.91 22.13 -5.71
C LEU B 67 -29.92 23.20 -6.15
N ALA B 68 -29.05 22.86 -7.09
CA ALA B 68 -28.10 23.82 -7.62
C ALA B 68 -27.57 23.30 -8.95
N GLN B 69 -27.14 24.22 -9.81
CA GLN B 69 -26.29 23.90 -10.95
C GLN B 69 -24.86 23.99 -10.45
N VAL B 70 -24.20 22.86 -10.30
CA VAL B 70 -22.86 22.79 -9.70
C VAL B 70 -21.82 22.81 -10.81
N ALA B 71 -20.74 23.55 -10.60
CA ALA B 71 -19.62 23.57 -11.53
C ALA B 71 -19.20 22.15 -11.90
N ALA B 72 -19.04 21.91 -13.20
CA ALA B 72 -18.71 20.60 -13.73
C ALA B 72 -17.25 20.64 -14.17
N CYS B 73 -16.35 20.40 -13.23
CA CYS B 73 -14.92 20.54 -13.48
C CYS B 73 -14.40 19.45 -14.42
N ASP B 74 -13.34 19.78 -15.16
CA ASP B 74 -12.67 18.82 -16.01
C ASP B 74 -11.17 18.81 -15.76
N ALA B 75 -10.41 18.17 -16.64
CA ALA B 75 -8.97 18.01 -16.42
C ALA B 75 -8.29 19.37 -16.19
N GLU B 76 -8.77 20.43 -16.85
CA GLU B 76 -8.15 21.73 -16.69
C GLU B 76 -8.36 22.28 -15.28
N ASP B 77 -9.61 22.22 -14.77
CA ASP B 77 -9.85 22.63 -13.38
C ASP B 77 -9.08 21.77 -12.40
N VAL B 78 -9.05 20.46 -12.63
CA VAL B 78 -8.23 19.60 -11.79
C VAL B 78 -6.78 20.05 -11.81
N GLY B 79 -6.27 20.39 -12.99
CA GLY B 79 -4.91 20.91 -13.08
C GLY B 79 -4.69 22.17 -12.26
N HIS B 80 -5.69 23.06 -12.24
CA HIS B 80 -5.54 24.26 -11.42
C HIS B 80 -5.59 23.93 -9.93
N ALA B 81 -6.50 23.04 -9.54
CA ALA B 81 -6.61 22.68 -8.13
C ALA B 81 -5.34 22.01 -7.64
N VAL B 82 -4.79 21.08 -8.42
CA VAL B 82 -3.55 20.41 -8.03
C VAL B 82 -2.41 21.43 -7.94
N ALA B 83 -2.32 22.34 -8.91
CA ALA B 83 -1.28 23.35 -8.90
C ALA B 83 -1.33 24.21 -7.65
N SER B 84 -2.52 24.62 -7.23
CA SER B 84 -2.59 25.39 -6.00
C SER B 84 -2.21 24.53 -4.79
N ALA B 85 -2.60 23.25 -4.79
CA ALA B 85 -2.21 22.35 -3.73
C ALA B 85 -0.70 22.10 -3.71
N ARG B 86 -0.09 22.03 -4.90
CA ARG B 86 1.35 21.85 -5.00
C ARG B 86 2.11 23.08 -4.47
N ARG B 87 1.67 24.27 -4.87
N ARG B 87 1.68 24.28 -4.87
CA ARG B 87 2.32 25.50 -4.41
CA ARG B 87 2.36 25.49 -4.39
C ARG B 87 2.25 25.62 -2.90
C ARG B 87 2.25 25.62 -2.88
N ALA B 88 1.07 25.34 -2.32
CA ALA B 88 0.91 25.36 -0.87
C ALA B 88 1.81 24.31 -0.19
N PHE B 89 1.92 23.12 -0.79
CA PHE B 89 2.80 22.11 -0.20
C PHE B 89 4.25 22.57 -0.23
N GLU B 90 4.71 23.08 -1.37
CA GLU B 90 6.11 23.44 -1.50
C GLU B 90 6.51 24.60 -0.59
N ASP B 91 5.65 25.59 -0.39
CA ASP B 91 6.10 26.70 0.42
C ASP B 91 5.80 26.52 1.91
N GLY B 92 5.20 25.38 2.30
CA GLY B 92 5.07 25.03 3.71
C GLY B 92 4.06 25.80 4.52
N ARG B 93 3.16 26.58 3.88
CA ARG B 93 2.20 27.38 4.63
C ARG B 93 1.38 26.54 5.61
N TRP B 94 1.14 25.27 5.30
CA TRP B 94 0.44 24.36 6.20
C TRP B 94 1.37 23.37 6.86
N ARG B 95 2.13 22.62 6.06
CA ARG B 95 2.91 21.52 6.62
C ARG B 95 4.08 21.98 7.48
N SER B 96 4.52 23.23 7.35
CA SER B 96 5.59 23.71 8.23
C SER B 96 5.07 24.20 9.56
N ARG B 97 3.76 24.35 9.72
CA ARG B 97 3.20 24.57 11.04
C ARG B 97 3.44 23.33 11.88
N THR B 98 3.55 23.53 13.19
CA THR B 98 3.74 22.41 14.09
C THR B 98 2.50 21.52 14.12
N PRO B 99 2.67 20.24 14.43
CA PRO B 99 1.50 19.39 14.72
C PRO B 99 0.48 20.05 15.64
N ALA B 100 0.95 20.71 16.72
CA ALA B 100 0.03 21.36 17.64
C ALA B 100 -0.74 22.49 16.94
N GLU B 101 -0.09 23.22 16.03
CA GLU B 101 -0.78 24.27 15.28
C GLU B 101 -1.77 23.70 14.28
N ARG B 102 -1.37 22.65 13.55
CA ARG B 102 -2.30 21.99 12.65
C ARG B 102 -3.49 21.43 13.41
N LYS B 103 -3.25 20.91 14.62
CA LYS B 103 -4.35 20.41 15.44
C LYS B 103 -5.33 21.52 15.78
N ALA B 104 -4.80 22.70 16.14
CA ALA B 104 -5.66 23.82 16.54
C ALA B 104 -6.58 24.26 15.40
N ALA B 105 -6.05 24.37 14.18
CA ALA B 105 -6.89 24.79 13.05
C ALA B 105 -7.93 23.74 12.72
N LEU B 106 -7.57 22.46 12.79
CA LEU B 106 -8.55 21.43 12.53
C LEU B 106 -9.63 21.43 13.59
N LEU B 107 -9.25 21.67 14.85
CA LEU B 107 -10.25 21.79 15.90
C LEU B 107 -11.15 22.99 15.67
N ARG B 108 -10.60 24.11 15.18
CA ARG B 108 -11.45 25.23 14.77
C ARG B 108 -12.49 24.79 13.75
N LEU B 109 -12.03 24.04 12.74
CA LEU B 109 -12.93 23.56 11.70
C LEU B 109 -14.06 22.73 12.29
N ALA B 110 -13.74 21.80 13.19
CA ALA B 110 -14.79 20.93 13.74
C ALA B 110 -15.76 21.72 14.60
N GLU B 111 -15.26 22.76 15.28
CA GLU B 111 -16.12 23.68 16.02
C GLU B 111 -17.13 24.34 15.08
N LEU B 112 -16.66 24.81 13.93
CA LEU B 112 -17.52 25.47 12.95
C LEU B 112 -18.59 24.53 12.43
N LEU B 113 -18.21 23.28 12.10
CA LEU B 113 -19.23 22.31 11.71
C LEU B 113 -20.27 22.15 12.81
N GLU B 114 -19.82 22.12 14.07
CA GLU B 114 -20.76 21.99 15.18
C GLU B 114 -21.71 23.19 15.26
N GLU B 115 -21.20 24.39 15.01
CA GLU B 115 -22.08 25.55 15.04
C GLU B 115 -23.08 25.51 13.90
N HIS B 116 -22.72 24.91 12.76
CA HIS B 116 -23.62 24.80 11.62
C HIS B 116 -24.21 23.41 11.49
N LEU B 117 -24.44 22.72 12.61
CA LEU B 117 -24.84 21.32 12.55
C LEU B 117 -26.17 21.15 11.82
N LEU B 118 -27.19 21.92 12.24
CA LEU B 118 -28.51 21.80 11.62
C LEU B 118 -28.47 22.14 10.14
N GLU B 119 -27.84 23.27 9.81
CA GLU B 119 -27.64 23.64 8.41
C GLU B 119 -27.02 22.49 7.61
N LEU B 120 -25.94 21.89 8.15
CA LEU B 120 -25.24 20.85 7.42
C LEU B 120 -26.05 19.57 7.36
N ALA B 121 -26.81 19.26 8.43
CA ALA B 121 -27.61 18.04 8.41
C ALA B 121 -28.72 18.11 7.36
N VAL B 122 -29.41 19.27 7.28
CA VAL B 122 -30.47 19.44 6.29
C VAL B 122 -29.88 19.39 4.88
N MET B 123 -28.76 20.08 4.67
CA MET B 123 -28.10 20.06 3.38
C MET B 123 -27.72 18.64 2.98
N GLU B 124 -27.19 17.86 3.95
CA GLU B 124 -26.80 16.48 3.68
C GLU B 124 -27.98 15.65 3.25
N SER B 125 -29.12 15.82 3.94
CA SER B 125 -30.34 15.10 3.62
C SER B 125 -30.84 15.46 2.23
N LEU B 126 -30.95 16.77 1.95
CA LEU B 126 -31.48 17.23 0.66
C LEU B 126 -30.74 16.58 -0.50
N ASP B 127 -29.41 16.59 -0.46
CA ASP B 127 -28.63 16.16 -1.60
C ASP B 127 -28.58 14.64 -1.74
N SER B 128 -28.77 13.90 -0.64
CA SER B 128 -28.52 12.47 -0.63
C SER B 128 -29.77 11.60 -0.52
N GLY B 129 -30.87 12.12 0.03
CA GLY B 129 -31.99 11.30 0.40
C GLY B 129 -31.88 10.65 1.76
N LYS B 130 -30.74 10.82 2.44
CA LYS B 130 -30.57 10.29 3.78
C LYS B 130 -31.51 11.00 4.77
N PRO B 131 -32.08 10.27 5.72
CA PRO B 131 -33.09 10.86 6.60
C PRO B 131 -32.50 11.84 7.60
N ILE B 132 -33.22 12.95 7.85
CA ILE B 132 -32.69 14.03 8.68
C ILE B 132 -32.35 13.55 10.09
N ARG B 133 -33.12 12.60 10.61
CA ARG B 133 -32.89 12.08 11.96
C ARG B 133 -31.50 11.50 12.10
N GLU B 134 -31.11 10.62 11.18
CA GLU B 134 -29.77 10.05 11.21
C GLU B 134 -28.72 11.08 10.81
N CYS B 135 -29.06 12.01 9.92
CA CYS B 135 -28.12 13.06 9.57
C CYS B 135 -27.76 13.89 10.80
N GLN B 136 -28.74 14.11 11.68
CA GLN B 136 -28.53 14.99 12.83
C GLN B 136 -27.86 14.26 13.99
N HIS B 137 -28.18 12.98 14.19
CA HIS B 137 -27.72 12.25 15.36
C HIS B 137 -26.52 11.35 15.10
N THR B 138 -26.35 10.88 13.87
CA THR B 138 -25.21 10.06 13.51
C THR B 138 -24.22 10.83 12.63
N ASP B 139 -24.60 11.16 11.38
CA ASP B 139 -23.63 11.63 10.39
C ASP B 139 -22.86 12.85 10.88
N LEU B 140 -23.57 13.91 11.25
CA LEU B 140 -22.84 15.11 11.64
C LEU B 140 -22.00 14.89 12.89
N PRO B 141 -22.51 14.30 13.97
CA PRO B 141 -21.64 14.11 15.15
C PRO B 141 -20.44 13.23 14.87
N GLU B 142 -20.63 12.16 14.09
CA GLU B 142 -19.51 11.30 13.70
C GLU B 142 -18.52 12.05 12.81
N THR B 143 -19.02 12.93 11.94
CA THR B 143 -18.13 13.74 11.12
C THR B 143 -17.32 14.68 12.00
N ILE B 144 -18.01 15.41 12.88
CA ILE B 144 -17.35 16.32 13.81
C ILE B 144 -16.33 15.58 14.67
N ASN B 145 -16.69 14.37 15.12
CA ASN B 145 -15.80 13.62 16.00
C ASN B 145 -14.57 13.10 15.25
N THR B 146 -14.77 12.60 14.02
CA THR B 146 -13.66 12.15 13.19
C THR B 146 -12.61 13.24 13.06
N LEU B 147 -13.03 14.48 12.78
CA LEU B 147 -12.06 15.56 12.63
C LEU B 147 -11.35 15.83 13.95
N ARG B 148 -12.08 15.81 15.06
CA ARG B 148 -11.45 16.11 16.33
C ARG B 148 -10.42 15.06 16.69
N TRP B 149 -10.80 13.79 16.58
CA TRP B 149 -9.89 12.70 16.93
C TRP B 149 -8.58 12.79 16.13
N HIS B 150 -8.69 13.03 14.81
CA HIS B 150 -7.48 13.06 14.00
C HIS B 150 -6.68 14.34 14.22
N ALA B 151 -7.36 15.45 14.48
CA ALA B 151 -6.66 16.64 14.95
C ALA B 151 -5.90 16.36 16.24
N GLU B 152 -6.60 15.79 17.23
CA GLU B 152 -5.99 15.53 18.53
C GLU B 152 -4.85 14.51 18.43
N LEU B 153 -4.90 13.65 17.41
CA LEU B 153 -3.94 12.56 17.34
C LEU B 153 -2.54 13.05 16.91
N ILE B 154 -2.47 14.08 16.06
CA ILE B 154 -1.25 14.33 15.31
C ILE B 154 -0.07 14.66 16.22
N ASP B 155 -0.28 15.43 17.29
CA ASP B 155 0.82 15.68 18.22
C ASP B 155 0.87 14.66 19.38
N LYS B 156 0.30 13.48 19.16
CA LYS B 156 0.55 12.32 20.02
C LYS B 156 1.31 11.20 19.31
N ILE B 157 1.66 11.37 18.02
CA ILE B 157 2.29 10.31 17.24
C ILE B 157 3.80 10.41 17.37
N TYR B 158 4.42 9.30 17.78
CA TYR B 158 5.88 9.20 17.85
C TYR B 158 6.38 8.37 16.69
N ASP B 159 7.43 8.84 16.05
CA ASP B 159 8.15 8.02 15.08
C ASP B 159 9.23 7.24 15.85
N SER B 160 10.28 6.77 15.18
CA SER B 160 11.19 5.82 15.78
C SER B 160 12.67 6.23 15.64
N THR B 161 13.50 5.59 16.45
CA THR B 161 14.93 5.49 16.19
C THR B 161 15.30 4.02 16.20
N ALA B 162 16.26 3.64 15.35
CA ALA B 162 16.52 2.21 15.17
C ALA B 162 17.74 1.76 15.98
N PRO B 163 17.79 0.49 16.40
CA PRO B 163 18.89 -0.04 17.24
C PRO B 163 20.18 -0.33 16.47
N VAL B 164 20.89 0.71 16.06
CA VAL B 164 22.03 0.55 15.17
C VAL B 164 23.39 0.69 15.87
N GLY B 165 23.41 0.96 17.16
CA GLY B 165 24.68 1.01 17.89
C GLY B 165 25.19 2.41 18.14
N SER B 166 26.46 2.48 18.54
CA SER B 166 27.06 3.71 19.03
C SER B 166 27.76 4.54 17.96
N ALA B 167 28.07 3.95 16.81
CA ALA B 167 28.74 4.68 15.74
C ALA B 167 27.79 5.44 14.84
N ALA B 168 26.49 5.24 14.98
CA ALA B 168 25.56 6.00 14.17
C ALA B 168 24.35 6.33 15.01
N LEU B 169 23.62 7.34 14.55
CA LEU B 169 22.29 7.64 15.04
C LEU B 169 21.34 7.53 13.87
N ALA B 170 20.35 6.66 13.98
CA ALA B 170 19.40 6.38 12.90
C ALA B 170 17.99 6.67 13.38
N MET B 171 17.36 7.66 12.78
CA MET B 171 15.95 7.92 12.99
C MET B 171 15.14 7.35 11.82
N VAL B 172 13.92 6.92 12.12
CA VAL B 172 12.98 6.43 11.12
C VAL B 172 11.74 7.29 11.28
N VAL B 173 11.58 8.30 10.42
CA VAL B 173 10.56 9.31 10.58
C VAL B 173 9.53 9.23 9.46
N ARG B 174 8.38 9.87 9.68
CA ARG B 174 7.33 9.99 8.69
C ARG B 174 7.25 11.44 8.18
N GLU B 175 7.08 11.58 6.86
CA GLU B 175 6.94 12.87 6.21
C GLU B 175 5.68 12.86 5.37
N PRO B 176 5.05 14.01 5.15
CA PRO B 176 3.80 14.02 4.38
C PRO B 176 4.08 13.70 2.92
N ILE B 177 3.17 12.95 2.30
CA ILE B 177 3.51 12.39 0.98
C ILE B 177 3.40 13.46 -0.12
N GLY B 178 2.61 14.50 0.08
CA GLY B 178 2.50 15.57 -0.90
C GLY B 178 1.06 15.97 -1.18
N VAL B 179 0.72 16.20 -2.46
CA VAL B 179 -0.65 16.49 -2.85
C VAL B 179 -1.44 15.18 -2.90
N VAL B 180 -2.58 15.15 -2.22
CA VAL B 180 -3.36 13.93 -2.03
C VAL B 180 -4.73 14.08 -2.70
N GLY B 181 -5.06 13.13 -3.57
CA GLY B 181 -6.39 13.09 -4.16
C GLY B 181 -7.33 12.22 -3.36
N LEU B 182 -8.54 12.73 -3.12
CA LEU B 182 -9.52 12.06 -2.26
C LEU B 182 -10.83 11.95 -3.03
N VAL B 183 -11.15 10.74 -3.49
CA VAL B 183 -12.30 10.50 -4.34
C VAL B 183 -13.37 9.76 -3.53
N LEU B 184 -14.57 10.37 -3.40
CA LEU B 184 -15.56 9.99 -2.39
C LEU B 184 -16.84 9.40 -3.01
N PRO B 185 -17.56 8.55 -2.25
CA PRO B 185 -18.83 8.00 -2.74
C PRO B 185 -20.01 8.82 -2.24
N TRP B 186 -21.24 8.39 -2.54
CA TRP B 186 -22.41 9.19 -2.20
C TRP B 186 -23.14 8.75 -0.93
N ASN B 187 -22.72 7.65 -0.29
CA ASN B 187 -23.57 7.07 0.74
C ASN B 187 -23.37 7.74 2.10
N PHE B 188 -22.17 8.20 2.42
CA PHE B 188 -21.90 8.96 3.64
C PHE B 188 -21.04 10.14 3.27
N PRO B 189 -21.61 11.12 2.59
CA PRO B 189 -20.80 12.20 2.01
C PRO B 189 -19.90 12.90 3.03
N LEU B 190 -20.49 13.43 4.10
CA LEU B 190 -19.73 14.18 5.09
C LEU B 190 -18.81 13.27 5.90
N LEU B 191 -19.25 12.07 6.23
CA LEU B 191 -18.46 11.22 7.09
C LEU B 191 -17.23 10.70 6.36
N MET B 192 -17.43 10.23 5.10
CA MET B 192 -16.29 9.82 4.29
C MET B 192 -15.31 10.96 4.09
N LEU B 193 -15.82 12.17 3.88
CA LEU B 193 -14.97 13.36 3.78
C LEU B 193 -14.06 13.47 5.00
N ALA B 194 -14.64 13.37 6.20
CA ALA B 194 -13.86 13.46 7.43
C ALA B 194 -12.89 12.30 7.56
N TRP B 195 -13.31 11.08 7.21
CA TRP B 195 -12.42 9.93 7.25
C TRP B 195 -11.17 10.16 6.40
N LYS B 196 -11.29 10.93 5.31
CA LYS B 196 -10.13 11.20 4.48
C LYS B 196 -9.37 12.46 4.91
N ILE B 197 -10.05 13.59 5.04
CA ILE B 197 -9.30 14.83 5.27
C ILE B 197 -8.78 14.93 6.68
N GLY B 198 -9.38 14.22 7.63
CA GLY B 198 -8.93 14.24 8.99
C GLY B 198 -7.48 13.85 9.10
N PRO B 199 -7.16 12.58 8.78
CA PRO B 199 -5.76 12.17 8.83
C PRO B 199 -4.88 12.88 7.81
N ALA B 200 -5.41 13.15 6.61
CA ALA B 200 -4.53 13.66 5.56
C ALA B 200 -4.11 15.10 5.83
N LEU B 201 -5.04 15.94 6.28
CA LEU B 201 -4.67 17.31 6.62
C LEU B 201 -3.79 17.34 7.87
N ALA B 202 -4.09 16.47 8.86
CA ALA B 202 -3.30 16.45 10.08
C ALA B 202 -1.84 16.10 9.79
N ALA B 203 -1.61 15.18 8.85
CA ALA B 203 -0.26 14.84 8.43
C ALA B 203 0.45 15.96 7.69
N GLY B 204 -0.25 17.05 7.34
CA GLY B 204 0.35 18.15 6.62
C GLY B 204 0.23 18.11 5.11
N CYS B 205 -0.60 17.21 4.55
CA CYS B 205 -0.75 17.17 3.09
C CYS B 205 -1.67 18.29 2.59
N SER B 206 -1.53 18.64 1.32
CA SER B 206 -2.57 19.35 0.61
C SER B 206 -3.49 18.32 -0.04
N VAL B 207 -4.77 18.65 -0.14
N VAL B 207 -4.79 18.59 -0.02
CA VAL B 207 -5.78 17.67 -0.50
CA VAL B 207 -5.77 17.63 -0.52
C VAL B 207 -6.67 18.26 -1.59
C VAL B 207 -6.61 18.27 -1.61
N VAL B 208 -6.95 17.47 -2.61
CA VAL B 208 -7.90 17.82 -3.66
C VAL B 208 -9.00 16.76 -3.61
N VAL B 209 -10.21 17.17 -3.26
CA VAL B 209 -11.32 16.25 -3.04
C VAL B 209 -12.21 16.23 -4.28
N LYS B 210 -12.47 15.04 -4.80
CA LYS B 210 -13.44 14.90 -5.87
C LYS B 210 -14.65 14.15 -5.32
N PRO B 211 -15.70 14.83 -4.86
CA PRO B 211 -16.83 14.12 -4.27
C PRO B 211 -17.74 13.51 -5.34
N ALA B 212 -18.65 12.67 -4.89
CA ALA B 212 -19.63 12.09 -5.80
C ALA B 212 -20.54 13.19 -6.34
N PRO B 213 -20.92 13.11 -7.61
CA PRO B 213 -21.78 14.18 -8.18
C PRO B 213 -23.16 14.20 -7.56
N GLU B 214 -23.61 13.08 -7.02
CA GLU B 214 -24.90 13.05 -6.33
C GLU B 214 -24.86 13.89 -5.06
N THR B 215 -23.68 14.07 -4.45
CA THR B 215 -23.53 14.56 -3.08
C THR B 215 -22.30 15.45 -2.99
N SER B 216 -22.34 16.58 -3.69
CA SER B 216 -21.23 17.51 -3.74
C SER B 216 -21.43 18.73 -2.83
N LEU B 217 -22.66 19.03 -2.44
CA LEU B 217 -22.92 20.31 -1.78
C LEU B 217 -22.21 20.40 -0.44
N THR B 218 -22.27 19.34 0.38
CA THR B 218 -21.76 19.49 1.75
C THR B 218 -20.24 19.61 1.77
N ALA B 219 -19.53 18.85 0.92
CA ALA B 219 -18.09 19.01 0.82
C ALA B 219 -17.69 20.44 0.47
N LEU B 220 -18.43 21.07 -0.44
CA LEU B 220 -18.15 22.46 -0.77
C LEU B 220 -18.32 23.34 0.46
N ARG B 221 -19.41 23.15 1.19
CA ARG B 221 -19.64 23.95 2.39
C ARG B 221 -18.52 23.79 3.40
N VAL B 222 -18.08 22.56 3.62
CA VAL B 222 -17.01 22.31 4.59
C VAL B 222 -15.71 22.97 4.14
N ALA B 223 -15.38 22.89 2.85
CA ALA B 223 -14.15 23.52 2.38
C ALA B 223 -14.18 25.02 2.61
N GLU B 224 -15.36 25.64 2.54
CA GLU B 224 -15.48 27.05 2.84
C GLU B 224 -15.28 27.29 4.32
N LEU B 225 -15.87 26.44 5.17
CA LEU B 225 -15.67 26.59 6.61
C LEU B 225 -14.22 26.33 7.00
N ALA B 226 -13.51 25.46 6.28
CA ALA B 226 -12.11 25.21 6.57
C ALA B 226 -11.26 26.46 6.33
N SER B 227 -11.55 27.20 5.26
CA SER B 227 -10.91 28.50 5.07
C SER B 227 -11.16 29.41 6.26
N GLN B 228 -12.41 29.55 6.67
CA GLN B 228 -12.75 30.36 7.84
C GLN B 228 -11.95 29.94 9.05
N ALA B 229 -11.65 28.64 9.18
CA ALA B 229 -10.95 28.12 10.35
C ALA B 229 -9.45 28.27 10.25
N GLY B 230 -8.93 28.85 9.16
CA GLY B 230 -7.51 29.04 9.02
C GLY B 230 -6.75 27.95 8.30
N ILE B 231 -7.45 26.99 7.67
CA ILE B 231 -6.77 26.12 6.71
C ILE B 231 -6.32 27.03 5.57
N PRO B 232 -5.01 27.16 5.32
CA PRO B 232 -4.54 28.15 4.33
C PRO B 232 -5.05 27.81 2.93
N ALA B 233 -4.93 28.81 2.04
CA ALA B 233 -5.42 28.63 0.68
C ALA B 233 -4.63 27.55 -0.04
N GLY B 234 -5.35 26.73 -0.81
CA GLY B 234 -4.75 25.68 -1.60
C GLY B 234 -4.59 24.36 -0.88
N VAL B 235 -4.79 24.35 0.44
CA VAL B 235 -4.50 23.14 1.20
C VAL B 235 -5.67 22.18 1.17
N PHE B 236 -6.89 22.69 1.00
CA PHE B 236 -8.09 21.86 1.02
C PHE B 236 -8.98 22.39 -0.10
N ASN B 237 -8.96 21.69 -1.23
CA ASN B 237 -9.70 22.07 -2.43
C ASN B 237 -10.76 21.01 -2.70
N VAL B 238 -11.84 21.43 -3.34
CA VAL B 238 -12.93 20.53 -3.74
C VAL B 238 -13.24 20.80 -5.21
N VAL B 239 -13.16 19.75 -6.02
CA VAL B 239 -13.36 19.84 -7.46
C VAL B 239 -14.55 18.95 -7.81
N PRO B 240 -15.76 19.49 -7.87
CA PRO B 240 -16.92 18.67 -8.22
C PRO B 240 -17.03 18.44 -9.73
N GLY B 241 -17.60 17.30 -10.08
CA GLY B 241 -17.70 16.89 -11.47
C GLY B 241 -17.84 15.39 -11.60
N GLY B 242 -17.85 14.93 -12.83
CA GLY B 242 -18.09 13.53 -13.08
C GLY B 242 -16.88 12.64 -12.81
N GLY B 243 -17.14 11.33 -12.86
CA GLY B 243 -16.13 10.31 -12.72
C GLY B 243 -15.00 10.38 -13.74
N ARG B 244 -15.33 10.19 -15.04
CA ARG B 244 -14.33 10.32 -16.10
C ARG B 244 -13.82 11.75 -16.21
N GLU B 245 -14.69 12.74 -15.97
CA GLU B 245 -14.35 14.13 -16.29
C GLU B 245 -13.41 14.73 -15.26
N ALA B 246 -13.66 14.46 -13.98
CA ALA B 246 -12.83 15.02 -12.92
C ALA B 246 -12.06 13.97 -12.13
N GLY B 247 -12.65 12.79 -11.90
CA GLY B 247 -11.96 11.78 -11.13
C GLY B 247 -10.76 11.21 -11.85
N GLU B 248 -10.92 10.89 -13.14
CA GLU B 248 -9.83 10.33 -13.92
C GLU B 248 -8.64 11.29 -14.04
N PRO B 249 -8.80 12.54 -14.47
CA PRO B 249 -7.63 13.43 -14.51
C PRO B 249 -6.94 13.58 -13.16
N LEU B 250 -7.69 13.50 -12.06
CA LEU B 250 -7.06 13.56 -10.75
C LEU B 250 -6.18 12.35 -10.51
N GLY B 251 -6.65 11.16 -10.88
CA GLY B 251 -5.86 9.96 -10.70
C GLY B 251 -4.66 9.88 -11.61
N ARG B 252 -4.73 10.54 -12.77
CA ARG B 252 -3.63 10.54 -13.73
C ARG B 252 -2.67 11.69 -13.52
N HIS B 253 -2.93 12.58 -12.60
CA HIS B 253 -2.18 13.82 -12.57
C HIS B 253 -0.75 13.56 -12.11
N PRO B 254 0.24 14.06 -12.83
CA PRO B 254 1.63 13.73 -12.50
C PRO B 254 2.15 14.37 -11.21
N ASP B 255 1.44 15.33 -10.61
CA ASP B 255 1.87 15.96 -9.38
C ASP B 255 1.04 15.56 -8.18
N VAL B 256 0.07 14.68 -8.35
CA VAL B 256 -0.64 14.10 -7.23
C VAL B 256 0.16 12.89 -6.76
N ALA B 257 0.54 12.89 -5.48
CA ALA B 257 1.43 11.88 -4.92
C ALA B 257 0.68 10.63 -4.47
N MET B 258 -0.60 10.75 -4.17
CA MET B 258 -1.34 9.66 -3.55
C MET B 258 -2.83 9.88 -3.78
N VAL B 259 -3.56 8.79 -3.98
CA VAL B 259 -5.02 8.85 -4.06
C VAL B 259 -5.61 7.86 -3.08
N SER B 260 -6.57 8.31 -2.29
CA SER B 260 -7.39 7.46 -1.43
C SER B 260 -8.79 7.41 -2.02
N PHE B 261 -9.31 6.22 -2.25
CA PHE B 261 -10.58 6.05 -2.94
C PHE B 261 -11.52 5.19 -2.12
N THR B 262 -12.79 5.59 -2.08
CA THR B 262 -13.85 4.79 -1.49
C THR B 262 -15.02 4.74 -2.46
N GLY B 263 -15.44 3.53 -2.81
CA GLY B 263 -16.48 3.33 -3.81
C GLY B 263 -16.50 1.87 -4.23
N SER B 264 -17.01 1.64 -5.43
CA SER B 264 -17.10 0.29 -5.96
C SER B 264 -15.72 -0.28 -6.26
N THR B 265 -15.62 -1.62 -6.23
CA THR B 265 -14.40 -2.29 -6.68
C THR B 265 -14.13 -1.99 -8.16
N ALA B 266 -15.18 -1.98 -8.97
CA ALA B 266 -14.98 -1.77 -10.41
C ALA B 266 -14.25 -0.46 -10.68
N THR B 267 -14.71 0.63 -10.04
CA THR B 267 -14.09 1.93 -10.25
C THR B 267 -12.70 1.99 -9.60
N GLY B 268 -12.57 1.50 -8.37
CA GLY B 268 -11.27 1.46 -7.72
C GLY B 268 -10.19 0.77 -8.55
N ARG B 269 -10.56 -0.26 -9.30
CA ARG B 269 -9.59 -0.89 -10.20
C ARG B 269 -8.98 0.13 -11.17
N LEU B 270 -9.79 1.10 -11.62
CA LEU B 270 -9.30 2.11 -12.56
C LEU B 270 -8.18 2.94 -11.96
N PHE B 271 -8.22 3.21 -10.66
CA PHE B 271 -7.20 4.08 -10.10
C PHE B 271 -5.86 3.39 -10.04
N LEU B 272 -5.84 2.05 -9.90
CA LEU B 272 -4.58 1.32 -10.05
C LEU B 272 -4.00 1.49 -11.46
N LYS B 273 -4.85 1.46 -12.49
CA LYS B 273 -4.36 1.69 -13.84
C LYS B 273 -3.85 3.12 -14.00
N TYR B 274 -4.58 4.10 -13.44
CA TYR B 274 -4.16 5.50 -13.54
C TYR B 274 -2.79 5.69 -12.93
N ALA B 275 -2.54 5.04 -11.78
CA ALA B 275 -1.24 5.09 -11.15
C ALA B 275 -0.18 4.49 -12.06
N ALA B 276 -0.44 3.28 -12.56
CA ALA B 276 0.50 2.60 -13.45
C ALA B 276 0.84 3.44 -14.67
N GLU B 277 -0.13 4.18 -15.20
CA GLU B 277 0.02 4.91 -16.45
C GLU B 277 0.44 6.35 -16.25
N SER B 278 0.76 6.74 -15.01
N SER B 278 0.75 6.76 -15.01
CA SER B 278 1.14 8.13 -14.73
CA SER B 278 1.22 8.12 -14.81
C SER B 278 2.46 8.17 -13.97
C SER B 278 2.50 8.15 -13.96
N ASN B 279 2.40 8.52 -12.68
CA ASN B 279 3.60 8.75 -11.88
C ASN B 279 3.77 7.76 -10.74
N LEU B 280 3.07 6.63 -10.77
CA LEU B 280 3.21 5.59 -9.76
C LEU B 280 2.78 6.09 -8.38
N LYS B 281 1.88 7.07 -8.35
CA LYS B 281 1.32 7.56 -7.09
C LYS B 281 0.77 6.41 -6.25
N ARG B 282 0.90 6.53 -4.94
CA ARG B 282 0.27 5.56 -4.05
C ARG B 282 -1.25 5.58 -4.20
N VAL B 283 -1.85 4.38 -4.18
CA VAL B 283 -3.29 4.20 -4.28
C VAL B 283 -3.75 3.39 -3.08
N VAL B 284 -4.77 3.87 -2.37
CA VAL B 284 -5.44 3.12 -1.32
C VAL B 284 -6.91 3.03 -1.70
N LEU B 285 -7.44 1.82 -1.72
CA LEU B 285 -8.82 1.57 -2.13
C LEU B 285 -9.63 1.01 -0.97
N GLU B 286 -10.79 1.61 -0.73
CA GLU B 286 -11.78 1.06 0.18
C GLU B 286 -13.03 0.79 -0.64
N CYS B 287 -13.42 -0.48 -0.72
CA CYS B 287 -14.49 -0.82 -1.66
C CYS B 287 -15.67 -1.51 -1.02
N GLY B 288 -16.38 -2.30 -1.81
CA GLY B 288 -17.61 -2.90 -1.36
C GLY B 288 -17.39 -4.11 -0.48
N GLY B 289 -18.51 -4.67 -0.02
CA GLY B 289 -18.48 -5.90 0.73
C GLY B 289 -19.78 -6.68 0.57
N LYS B 290 -19.75 -7.90 1.12
CA LYS B 290 -20.90 -8.76 1.22
C LYS B 290 -20.83 -9.34 2.63
N ASN B 291 -21.16 -8.51 3.61
CA ASN B 291 -20.74 -8.81 4.97
C ASN B 291 -21.69 -9.83 5.61
N PRO B 292 -21.17 -10.86 6.26
CA PRO B 292 -22.02 -11.84 6.96
C PRO B 292 -22.34 -11.44 8.39
N ALA B 293 -23.42 -12.03 8.89
CA ALA B 293 -23.80 -11.94 10.30
C ALA B 293 -24.07 -13.36 10.77
N VAL B 294 -23.14 -13.91 11.56
CA VAL B 294 -23.20 -15.29 12.02
C VAL B 294 -23.84 -15.33 13.41
N VAL B 295 -24.93 -16.08 13.53
CA VAL B 295 -25.69 -16.20 14.77
C VAL B 295 -25.66 -17.67 15.22
N MET B 296 -24.98 -17.94 16.33
CA MET B 296 -24.89 -19.28 16.91
C MET B 296 -26.16 -19.61 17.69
N ASN B 297 -26.34 -20.91 17.95
CA ASN B 297 -27.50 -21.36 18.69
C ASN B 297 -27.35 -21.24 20.20
N ASP B 298 -26.34 -20.52 20.70
CA ASP B 298 -26.08 -20.43 22.13
C ASP B 298 -26.09 -19.00 22.63
N VAL B 299 -26.82 -18.13 21.95
CA VAL B 299 -26.88 -16.73 22.34
C VAL B 299 -27.77 -16.59 23.57
N GLU B 300 -27.49 -15.58 24.38
CA GLU B 300 -28.22 -15.40 25.63
C GLU B 300 -29.46 -14.53 25.48
N ASP B 301 -29.66 -13.86 24.34
CA ASP B 301 -30.77 -12.91 24.20
C ASP B 301 -31.08 -12.72 22.70
N LEU B 302 -31.98 -13.57 22.19
CA LEU B 302 -32.30 -13.56 20.76
C LEU B 302 -32.94 -12.24 20.33
N ASP B 303 -33.64 -11.56 21.24
CA ASP B 303 -34.20 -10.28 20.86
C ASP B 303 -33.11 -9.25 20.59
N LEU B 304 -32.07 -9.24 21.43
CA LEU B 304 -30.96 -8.31 21.24
C LEU B 304 -30.18 -8.62 19.98
N VAL B 305 -29.98 -9.91 19.68
CA VAL B 305 -29.38 -10.27 18.41
C VAL B 305 -30.19 -9.70 17.26
N ALA B 306 -31.51 -9.93 17.27
CA ALA B 306 -32.39 -9.38 16.24
C ALA B 306 -32.22 -7.88 16.11
N GLN B 307 -32.10 -7.19 17.24
CA GLN B 307 -31.93 -5.74 17.24
C GLN B 307 -30.65 -5.33 16.53
N HIS B 308 -29.55 -6.08 16.73
CA HIS B 308 -28.29 -5.76 16.07
C HIS B 308 -28.30 -6.15 14.60
N VAL B 309 -28.97 -7.25 14.26
CA VAL B 309 -29.00 -7.69 12.87
C VAL B 309 -29.87 -6.75 12.03
N VAL B 310 -30.96 -6.24 12.60
CA VAL B 310 -31.79 -5.30 11.88
C VAL B 310 -31.03 -4.00 11.62
N ASN B 311 -30.37 -3.48 12.66
CA ASN B 311 -29.57 -2.27 12.50
C ASN B 311 -28.45 -2.48 11.48
N GLY B 312 -27.80 -3.65 11.52
CA GLY B 312 -26.72 -3.89 10.58
C GLY B 312 -27.17 -3.99 9.14
N ALA B 313 -28.41 -4.40 8.90
CA ALA B 313 -28.87 -4.61 7.53
C ALA B 313 -29.52 -3.37 6.93
N PHE B 314 -30.12 -2.51 7.75
CA PHE B 314 -31.02 -1.50 7.24
C PHE B 314 -30.70 -0.09 7.73
N TRP B 315 -29.65 0.09 8.51
CA TRP B 315 -29.13 1.44 8.75
C TRP B 315 -28.74 2.05 7.41
N ASN B 316 -29.19 3.30 7.19
CA ASN B 316 -28.91 4.03 5.95
C ASN B 316 -29.43 3.27 4.73
N MET B 317 -30.57 2.59 4.90
CA MET B 317 -31.28 1.95 3.79
C MET B 317 -30.43 0.86 3.15
N GLY B 318 -29.48 0.31 3.90
CA GLY B 318 -28.53 -0.64 3.35
C GLY B 318 -27.49 -0.04 2.43
N GLU B 319 -27.48 1.28 2.27
CA GLU B 319 -26.43 1.98 1.50
C GLU B 319 -25.23 2.16 2.41
N ASN B 320 -24.52 1.07 2.62
CA ASN B 320 -23.54 1.00 3.69
C ASN B 320 -22.56 -0.10 3.36
N CYS B 321 -21.27 0.25 3.31
N CYS B 321 -21.27 0.25 3.30
CA CYS B 321 -20.24 -0.73 2.98
CA CYS B 321 -20.24 -0.73 2.98
C CYS B 321 -20.15 -1.81 4.05
C CYS B 321 -20.16 -1.81 4.05
N SER B 322 -20.43 -1.46 5.32
CA SER B 322 -20.39 -2.41 6.41
C SER B 322 -21.73 -3.11 6.66
N ALA B 323 -22.72 -2.95 5.78
CA ALA B 323 -24.05 -3.47 6.06
C ALA B 323 -24.04 -4.99 6.15
N SER B 324 -24.79 -5.52 7.12
CA SER B 324 -25.09 -6.94 7.17
C SER B 324 -25.98 -7.31 5.99
N SER B 325 -25.47 -8.13 5.08
CA SER B 325 -26.27 -8.54 3.91
C SER B 325 -26.45 -10.04 3.79
N ARG B 326 -25.68 -10.85 4.52
CA ARG B 326 -25.85 -12.30 4.53
C ARG B 326 -26.04 -12.72 5.98
N LEU B 327 -27.28 -13.06 6.36
CA LEU B 327 -27.55 -13.61 7.69
C LEU B 327 -27.30 -15.12 7.64
N ILE B 328 -26.37 -15.58 8.47
CA ILE B 328 -25.87 -16.96 8.47
C ILE B 328 -26.17 -17.49 9.86
N VAL B 329 -27.27 -18.22 9.99
CA VAL B 329 -27.92 -18.47 11.27
C VAL B 329 -28.05 -19.97 11.47
N HIS B 330 -27.91 -20.39 12.73
CA HIS B 330 -28.03 -21.80 13.08
C HIS B 330 -29.47 -22.26 12.92
N ALA B 331 -29.64 -23.46 12.34
CA ALA B 331 -30.98 -23.94 12.01
C ALA B 331 -31.92 -23.98 13.22
N GLU B 332 -31.38 -24.25 14.41
CA GLU B 332 -32.20 -24.33 15.61
C GLU B 332 -32.82 -23.00 16.02
N VAL B 333 -32.21 -21.87 15.65
CA VAL B 333 -32.71 -20.56 16.07
C VAL B 333 -33.22 -19.71 14.90
N ARG B 334 -33.17 -20.23 13.66
N ARG B 334 -33.17 -20.24 13.67
CA ARG B 334 -33.55 -19.43 12.50
CA ARG B 334 -33.54 -19.48 12.48
C ARG B 334 -34.94 -18.84 12.66
C ARG B 334 -34.93 -18.86 12.62
N GLU B 335 -35.94 -19.70 12.85
CA GLU B 335 -37.32 -19.23 12.92
C GLU B 335 -37.54 -18.26 14.08
N ALA B 336 -37.04 -18.59 15.27
CA ALA B 336 -37.28 -17.71 16.42
C ALA B 336 -36.55 -16.37 16.27
N LEU B 337 -35.44 -16.36 15.51
CA LEU B 337 -34.78 -15.09 15.19
C LEU B 337 -35.61 -14.28 14.20
N LEU B 338 -35.95 -14.89 13.05
CA LEU B 338 -36.77 -14.22 12.04
C LEU B 338 -38.00 -13.59 12.67
N GLU B 339 -38.63 -14.30 13.60
CA GLU B 339 -39.81 -13.77 14.27
C GLU B 339 -39.49 -12.45 14.98
N ARG B 340 -38.40 -12.43 15.76
N ARG B 340 -38.40 -12.42 15.77
CA ARG B 340 -38.03 -11.20 16.45
CA ARG B 340 -38.08 -11.17 16.44
C ARG B 340 -37.59 -10.12 15.48
C ARG B 340 -37.60 -10.11 15.46
N ILE B 341 -36.99 -10.51 14.35
CA ILE B 341 -36.61 -9.56 13.31
C ILE B 341 -37.84 -8.82 12.77
N GLY B 342 -38.87 -9.59 12.40
CA GLY B 342 -40.13 -8.97 11.99
C GLY B 342 -40.64 -7.98 13.02
N ALA B 343 -40.66 -8.39 14.29
CA ALA B 343 -41.12 -7.47 15.33
C ALA B 343 -40.30 -6.20 15.34
N GLN B 344 -38.97 -6.33 15.26
CA GLN B 344 -38.09 -5.16 15.24
C GLN B 344 -38.39 -4.24 14.06
N LEU B 345 -38.62 -4.82 12.88
CA LEU B 345 -38.83 -4.03 11.68
C LEU B 345 -40.03 -3.09 11.79
N ARG B 346 -40.94 -3.35 12.71
CA ARG B 346 -42.10 -2.48 12.91
C ARG B 346 -41.72 -1.13 13.50
N GLU B 347 -40.51 -0.97 14.04
CA GLU B 347 -40.02 0.30 14.57
C GLU B 347 -39.27 1.14 13.54
N TRP B 348 -39.18 0.68 12.28
CA TRP B 348 -38.35 1.33 11.25
C TRP B 348 -39.26 2.00 10.21
N ARG B 349 -39.57 3.28 10.43
CA ARG B 349 -40.45 4.03 9.55
C ARG B 349 -39.68 4.64 8.37
N MET B 350 -40.27 4.51 7.17
CA MET B 350 -39.71 4.98 5.91
C MET B 350 -40.53 6.14 5.33
N GLY B 351 -39.86 7.10 4.72
CA GLY B 351 -40.59 8.15 4.01
C GLY B 351 -39.75 9.41 3.84
N ASP B 352 -40.47 10.54 3.71
CA ASP B 352 -39.95 11.90 3.56
C ASP B 352 -38.69 12.09 4.39
N PRO B 353 -37.54 12.31 3.74
CA PRO B 353 -36.28 12.45 4.49
C PRO B 353 -36.25 13.59 5.49
N LEU B 354 -37.07 14.62 5.32
CA LEU B 354 -37.10 15.72 6.27
C LEU B 354 -38.05 15.48 7.44
N ASP B 355 -38.70 14.31 7.46
CA ASP B 355 -39.62 13.95 8.54
C ASP B 355 -38.83 13.26 9.64
N PRO B 356 -38.68 13.87 10.82
CA PRO B 356 -37.82 13.28 11.87
C PRO B 356 -38.26 11.92 12.36
N ARG B 357 -39.47 11.47 12.02
CA ARG B 357 -39.94 10.16 12.45
C ARG B 357 -39.29 9.02 11.68
N ASN B 358 -38.64 9.29 10.55
CA ASN B 358 -38.20 8.21 9.68
C ASN B 358 -36.74 7.85 9.95
N ARG B 359 -36.49 6.55 10.13
CA ARG B 359 -35.14 6.00 10.18
C ARG B 359 -34.62 5.64 8.80
N LEU B 360 -35.50 5.68 7.80
CA LEU B 360 -35.17 5.28 6.43
C LEU B 360 -35.67 6.36 5.50
N GLY B 361 -34.79 6.83 4.62
CA GLY B 361 -35.15 7.87 3.67
C GLY B 361 -35.21 7.34 2.25
N ALA B 362 -34.91 8.20 1.28
CA ALA B 362 -34.92 7.82 -0.12
C ALA B 362 -33.56 7.27 -0.53
N LEU B 363 -33.56 6.30 -1.44
CA LEU B 363 -32.32 5.90 -2.08
C LEU B 363 -31.77 7.06 -2.90
N VAL B 364 -30.49 6.97 -3.24
CA VAL B 364 -29.76 8.17 -3.66
C VAL B 364 -30.18 8.66 -5.05
N SER B 365 -30.69 7.78 -5.91
CA SER B 365 -30.96 8.19 -7.28
C SER B 365 -31.90 7.17 -7.91
N PRO B 366 -32.64 7.58 -8.95
CA PRO B 366 -33.43 6.59 -9.70
C PRO B 366 -32.60 5.45 -10.23
N ALA B 367 -31.35 5.71 -10.62
CA ALA B 367 -30.50 4.66 -11.16
C ALA B 367 -30.20 3.59 -10.11
N HIS B 368 -29.91 4.02 -8.88
CA HIS B 368 -29.63 3.07 -7.82
C HIS B 368 -30.89 2.32 -7.38
N PHE B 369 -32.02 3.03 -7.27
CA PHE B 369 -33.31 2.38 -7.03
C PHE B 369 -33.58 1.26 -8.03
N GLU B 370 -33.17 1.44 -9.29
CA GLU B 370 -33.35 0.42 -10.32
C GLU B 370 -32.53 -0.82 -10.01
N LYS B 371 -31.25 -0.63 -9.69
CA LYS B 371 -30.39 -1.75 -9.33
C LYS B 371 -30.99 -2.52 -8.14
N VAL B 372 -31.41 -1.81 -7.09
CA VAL B 372 -31.96 -2.47 -5.91
C VAL B 372 -33.22 -3.25 -6.28
N ARG B 373 -34.09 -2.66 -7.11
CA ARG B 373 -35.35 -3.32 -7.45
C ARG B 373 -35.11 -4.54 -8.33
N ALA B 374 -34.12 -4.47 -9.22
CA ALA B 374 -33.80 -5.64 -10.03
C ALA B 374 -33.40 -6.84 -9.17
N TYR B 375 -32.93 -6.61 -7.93
CA TYR B 375 -32.62 -7.73 -7.04
C TYR B 375 -33.86 -8.26 -6.35
N LEU B 376 -34.83 -7.38 -6.06
CA LEU B 376 -36.14 -7.83 -5.63
C LEU B 376 -36.79 -8.70 -6.71
N ASP B 377 -36.68 -8.28 -7.99
CA ASP B 377 -37.19 -9.11 -9.07
C ASP B 377 -36.40 -10.40 -9.17
N GLN B 378 -35.09 -10.33 -8.94
CA GLN B 378 -34.26 -11.53 -9.00
C GLN B 378 -34.66 -12.52 -7.92
N ALA B 379 -35.01 -12.03 -6.72
CA ALA B 379 -35.53 -12.91 -5.68
C ALA B 379 -36.76 -13.68 -6.18
N ARG B 380 -37.72 -12.96 -6.79
CA ARG B 380 -38.92 -13.63 -7.31
C ARG B 380 -38.57 -14.60 -8.43
N THR B 381 -37.70 -14.17 -9.37
CA THR B 381 -37.22 -15.07 -10.42
C THR B 381 -36.69 -16.37 -9.85
N GLU B 382 -35.87 -16.28 -8.81
CA GLU B 382 -35.32 -17.43 -8.10
C GLU B 382 -36.33 -18.12 -7.18
N ARG B 383 -37.58 -17.64 -7.14
CA ARG B 383 -38.65 -18.28 -6.37
C ARG B 383 -38.26 -18.43 -4.90
N LEU B 384 -37.65 -17.38 -4.36
CA LEU B 384 -37.21 -17.38 -2.97
C LEU B 384 -38.31 -16.80 -2.08
N ALA B 385 -38.32 -17.24 -0.83
CA ALA B 385 -39.34 -16.81 0.11
C ALA B 385 -38.99 -15.42 0.65
N VAL B 386 -39.76 -14.42 0.24
CA VAL B 386 -39.58 -13.07 0.77
C VAL B 386 -40.36 -13.01 2.08
N ARG B 387 -39.63 -13.15 3.19
CA ARG B 387 -40.32 -13.28 4.48
C ARG B 387 -40.77 -11.92 5.04
N PHE B 388 -40.03 -10.83 4.81
CA PHE B 388 -40.50 -9.50 5.19
C PHE B 388 -40.24 -8.49 4.09
N GLY B 389 -41.04 -7.41 4.10
CA GLY B 389 -40.92 -6.32 3.14
C GLY B 389 -41.13 -6.77 1.70
N GLY B 390 -40.40 -6.14 0.78
CA GLY B 390 -40.40 -6.50 -0.62
C GLY B 390 -41.01 -5.48 -1.55
N ALA B 391 -41.61 -4.42 -1.01
CA ALA B 391 -42.31 -3.41 -1.79
C ALA B 391 -41.45 -2.17 -2.02
N THR B 392 -41.87 -1.36 -2.98
CA THR B 392 -41.28 -0.05 -3.26
C THR B 392 -42.37 1.01 -3.23
N GLU B 393 -41.95 2.26 -2.98
CA GLU B 393 -42.85 3.41 -3.05
C GLU B 393 -42.23 4.51 -3.89
N ALA B 394 -43.06 5.17 -4.70
CA ALA B 394 -42.76 6.45 -5.36
C ALA B 394 -41.50 6.40 -6.22
N GLY B 395 -41.08 5.20 -6.63
CA GLY B 395 -39.91 5.05 -7.47
C GLY B 395 -38.59 5.40 -6.83
N ILE B 396 -38.52 5.45 -5.49
CA ILE B 396 -37.30 5.88 -4.84
C ILE B 396 -37.16 5.33 -3.41
N PHE B 397 -38.21 4.71 -2.87
CA PHE B 397 -38.12 4.04 -1.57
C PHE B 397 -38.18 2.52 -1.72
N VAL B 398 -37.43 1.80 -0.89
CA VAL B 398 -37.50 0.35 -0.83
C VAL B 398 -37.67 -0.08 0.62
N GLU B 399 -38.63 -0.97 0.87
CA GLU B 399 -38.86 -1.50 2.20
C GLU B 399 -37.68 -2.35 2.65
N PRO B 400 -37.40 -2.38 3.96
CA PRO B 400 -36.49 -3.40 4.50
C PRO B 400 -36.98 -4.81 4.20
N THR B 401 -36.16 -5.58 3.48
CA THR B 401 -36.56 -6.85 2.92
C THR B 401 -35.67 -7.97 3.47
N VAL B 402 -36.30 -9.07 3.88
CA VAL B 402 -35.62 -10.26 4.35
C VAL B 402 -36.03 -11.43 3.47
N VAL B 403 -35.05 -12.07 2.85
CA VAL B 403 -35.27 -13.14 1.90
C VAL B 403 -34.69 -14.43 2.46
N ASP B 404 -35.56 -15.41 2.74
CA ASP B 404 -35.15 -16.64 3.39
C ASP B 404 -34.74 -17.72 2.37
N GLY B 405 -34.06 -18.75 2.87
CA GLY B 405 -33.58 -19.84 2.05
C GLY B 405 -32.72 -19.42 0.87
N VAL B 406 -31.70 -18.62 1.11
CA VAL B 406 -30.79 -18.19 0.06
C VAL B 406 -29.57 -19.11 0.08
N SER B 407 -29.36 -19.83 -1.00
CA SER B 407 -28.21 -20.71 -1.08
C SER B 407 -26.99 -19.93 -1.55
N PRO B 408 -25.78 -20.42 -1.24
CA PRO B 408 -24.57 -19.73 -1.73
C PRO B 408 -24.49 -19.57 -3.23
N HIS B 409 -25.27 -20.32 -4.00
CA HIS B 409 -25.25 -20.18 -5.45
C HIS B 409 -26.13 -19.02 -5.93
N SER B 410 -27.03 -18.53 -5.08
CA SER B 410 -27.90 -17.40 -5.45
C SER B 410 -27.10 -16.13 -5.74
N ARG B 411 -27.62 -15.35 -6.70
CA ARG B 411 -27.02 -14.04 -6.99
C ARG B 411 -27.17 -13.09 -5.81
N LEU B 412 -28.22 -13.25 -5.00
CA LEU B 412 -28.40 -12.42 -3.82
C LEU B 412 -27.38 -12.74 -2.72
N PHE B 413 -26.78 -13.92 -2.79
CA PHE B 413 -25.73 -14.30 -1.84
C PHE B 413 -24.37 -13.73 -2.23
N ARG B 414 -24.12 -13.53 -3.52
CA ARG B 414 -22.77 -13.29 -4.01
C ARG B 414 -22.48 -11.84 -4.38
N GLU B 415 -23.50 -11.01 -4.65
CA GLU B 415 -23.31 -9.70 -5.24
C GLU B 415 -23.74 -8.58 -4.31
N GLU B 416 -22.95 -7.50 -4.31
CA GLU B 416 -23.26 -6.34 -3.49
C GLU B 416 -24.49 -5.63 -4.03
N ILE B 417 -25.55 -5.60 -3.23
CA ILE B 417 -26.80 -4.97 -3.63
C ILE B 417 -26.83 -3.51 -3.21
N PHE B 418 -26.24 -3.20 -2.04
CA PHE B 418 -26.18 -1.83 -1.52
C PHE B 418 -27.58 -1.26 -1.35
N GLY B 419 -28.50 -2.10 -0.88
CA GLY B 419 -29.85 -1.71 -0.57
C GLY B 419 -30.38 -2.48 0.62
N PRO B 420 -31.58 -2.16 1.06
CA PRO B 420 -32.08 -2.75 2.32
C PRO B 420 -32.59 -4.17 2.15
N LEU B 421 -31.68 -5.08 1.80
CA LEU B 421 -32.04 -6.44 1.39
C LEU B 421 -31.14 -7.46 2.10
N LEU B 422 -31.73 -8.26 2.99
CA LEU B 422 -31.00 -9.23 3.81
C LEU B 422 -31.29 -10.66 3.35
N SER B 423 -30.26 -11.36 2.87
CA SER B 423 -30.37 -12.79 2.58
C SER B 423 -30.17 -13.61 3.85
N VAL B 424 -30.84 -14.77 3.93
CA VAL B 424 -30.81 -15.62 5.12
C VAL B 424 -30.42 -17.03 4.69
N THR B 425 -29.46 -17.61 5.39
CA THR B 425 -28.90 -18.93 5.07
C THR B 425 -28.65 -19.69 6.37
N SER B 426 -28.99 -20.97 6.39
CA SER B 426 -28.91 -21.78 7.60
C SER B 426 -27.64 -22.61 7.63
N PHE B 427 -27.17 -22.92 8.83
CA PHE B 427 -26.07 -23.85 9.02
C PHE B 427 -26.38 -24.76 10.20
N ASP B 428 -25.68 -25.89 10.24
CA ASP B 428 -25.85 -26.90 11.30
C ASP B 428 -24.72 -26.88 12.31
N ASP B 429 -23.48 -26.65 11.87
CA ASP B 429 -22.32 -26.59 12.75
C ASP B 429 -21.46 -25.38 12.41
N ILE B 430 -20.66 -24.95 13.39
CA ILE B 430 -19.88 -23.72 13.29
C ILE B 430 -18.82 -23.80 12.18
N ASP B 431 -18.37 -25.00 11.81
CA ASP B 431 -17.43 -25.09 10.69
C ASP B 431 -18.11 -24.68 9.40
N GLU B 432 -19.39 -25.03 9.26
CA GLU B 432 -20.15 -24.65 8.07
C GLU B 432 -20.47 -23.15 8.09
N ALA B 433 -20.77 -22.60 9.27
CA ALA B 433 -20.99 -21.17 9.39
C ALA B 433 -19.76 -20.39 8.93
N ILE B 434 -18.57 -20.81 9.39
CA ILE B 434 -17.35 -20.12 9.01
C ILE B 434 -17.10 -20.24 7.50
N ALA B 435 -17.27 -21.44 6.94
CA ALA B 435 -17.07 -21.58 5.49
C ALA B 435 -18.03 -20.72 4.71
N LEU B 436 -19.26 -20.55 5.21
CA LEU B 436 -20.23 -19.71 4.52
C LEU B 436 -19.84 -18.24 4.61
N ALA B 437 -19.36 -17.81 5.79
CA ALA B 437 -19.03 -16.40 5.98
C ALA B 437 -17.91 -15.98 5.05
N ASN B 438 -16.97 -16.89 4.77
CA ASN B 438 -15.82 -16.59 3.94
C ASN B 438 -16.07 -16.91 2.47
N ASP B 439 -17.25 -17.44 2.13
CA ASP B 439 -17.58 -17.76 0.75
C ASP B 439 -17.88 -16.48 -0.02
N THR B 440 -16.85 -15.69 -0.32
CA THR B 440 -17.02 -14.41 -1.01
C THR B 440 -15.66 -13.89 -1.45
N VAL B 441 -15.65 -13.11 -2.53
CA VAL B 441 -14.41 -12.41 -2.92
C VAL B 441 -14.12 -11.21 -2.04
N TYR B 442 -15.08 -10.78 -1.21
CA TYR B 442 -14.93 -9.61 -0.37
C TYR B 442 -14.42 -10.01 1.03
N GLY B 443 -14.36 -9.00 1.91
CA GLY B 443 -13.91 -9.19 3.27
C GLY B 443 -13.81 -7.87 4.02
N LEU B 444 -14.87 -7.08 3.97
CA LEU B 444 -14.84 -5.79 4.63
C LEU B 444 -15.16 -5.92 6.12
N ALA B 445 -16.33 -6.46 6.45
CA ALA B 445 -16.78 -6.54 7.84
C ALA B 445 -17.52 -7.85 8.06
N ALA B 446 -17.84 -8.13 9.33
CA ALA B 446 -18.56 -9.32 9.75
C ALA B 446 -19.01 -9.13 11.20
N SER B 447 -20.16 -9.72 11.55
CA SER B 447 -20.62 -9.75 12.93
C SER B 447 -20.92 -11.19 13.33
N ALA B 448 -20.85 -11.46 14.63
CA ALA B 448 -20.92 -12.82 15.15
C ALA B 448 -21.51 -12.81 16.56
N TYR B 449 -22.51 -13.66 16.78
CA TYR B 449 -23.25 -13.64 18.03
C TYR B 449 -23.21 -15.03 18.66
N THR B 450 -22.80 -15.10 19.92
CA THR B 450 -22.57 -16.36 20.60
C THR B 450 -22.32 -16.06 22.08
N GLY B 451 -22.77 -16.97 22.95
CA GLY B 451 -22.47 -16.87 24.37
C GLY B 451 -21.18 -17.57 24.79
N SER B 452 -20.62 -18.37 23.88
CA SER B 452 -19.49 -19.24 24.13
C SER B 452 -18.15 -18.52 23.95
N LEU B 453 -17.30 -18.57 24.99
CA LEU B 453 -15.94 -18.08 24.82
C LEU B 453 -15.22 -18.81 23.70
N ARG B 454 -15.30 -20.14 23.68
CA ARG B 454 -14.65 -20.93 22.64
C ARG B 454 -15.13 -20.51 21.26
N HIS B 455 -16.45 -20.36 21.07
CA HIS B 455 -16.98 -20.02 19.74
C HIS B 455 -16.62 -18.58 19.36
N ALA B 456 -16.65 -17.68 20.34
CA ALA B 456 -16.32 -16.29 20.06
C ALA B 456 -14.89 -16.15 19.52
N LEU B 457 -13.92 -16.83 20.15
CA LEU B 457 -12.54 -16.75 19.68
C LEU B 457 -12.41 -17.36 18.29
N ARG B 458 -13.14 -18.44 18.03
CA ARG B 458 -13.09 -19.14 16.74
C ARG B 458 -13.70 -18.29 15.62
N LEU B 459 -14.83 -17.63 15.89
CA LEU B 459 -15.41 -16.76 14.87
C LEU B 459 -14.58 -15.49 14.69
N SER B 460 -14.03 -14.96 15.78
CA SER B 460 -13.20 -13.76 15.72
C SER B 460 -11.99 -13.96 14.81
N ARG B 461 -11.35 -15.11 14.91
CA ARG B 461 -10.06 -15.32 14.27
C ARG B 461 -10.19 -15.86 12.86
N GLU B 462 -11.22 -16.66 12.58
CA GLU B 462 -11.31 -17.36 11.31
C GLU B 462 -12.13 -16.66 10.24
N ILE B 463 -12.89 -15.63 10.57
CA ILE B 463 -13.60 -14.89 9.53
C ILE B 463 -12.65 -13.86 8.91
N ARG B 464 -12.40 -13.99 7.60
CA ARG B 464 -11.43 -13.15 6.89
C ARG B 464 -12.05 -11.80 6.53
N ALA B 465 -12.12 -10.91 7.54
CA ALA B 465 -12.64 -9.57 7.35
C ALA B 465 -11.83 -8.59 8.18
N GLY B 466 -11.89 -7.31 7.78
CA GLY B 466 -11.10 -6.28 8.43
C GLY B 466 -11.64 -5.87 9.79
N ILE B 467 -12.91 -6.15 10.06
CA ILE B 467 -13.45 -6.08 11.41
C ILE B 467 -14.44 -7.23 11.63
N VAL B 468 -14.37 -7.85 12.79
CA VAL B 468 -15.37 -8.80 13.26
C VAL B 468 -15.91 -8.28 14.59
N THR B 469 -17.18 -7.86 14.62
CA THR B 469 -17.83 -7.48 15.87
C THR B 469 -18.49 -8.71 16.48
N VAL B 470 -18.35 -8.85 17.79
CA VAL B 470 -18.88 -10.00 18.51
C VAL B 470 -19.97 -9.52 19.45
N ASN B 471 -21.18 -10.08 19.27
CA ASN B 471 -22.35 -9.79 20.09
C ASN B 471 -22.81 -8.33 19.95
N CYS B 472 -22.51 -7.73 18.79
CA CYS B 472 -23.01 -6.42 18.42
C CYS B 472 -22.74 -6.26 16.93
N PHE B 473 -23.38 -5.25 16.33
CA PHE B 473 -23.04 -4.79 14.98
C PHE B 473 -22.34 -3.44 15.06
N GLY B 474 -21.35 -3.23 14.20
CA GLY B 474 -20.75 -1.90 14.13
C GLY B 474 -19.50 -1.88 13.26
N GLU B 475 -18.88 -0.71 13.26
CA GLU B 475 -17.66 -0.44 12.51
C GLU B 475 -16.50 -0.06 13.43
N GLY B 476 -16.61 -0.38 14.72
CA GLY B 476 -15.64 0.09 15.69
C GLY B 476 -15.91 1.54 16.06
N ASP B 477 -14.87 2.23 16.51
CA ASP B 477 -14.98 3.65 16.84
C ASP B 477 -13.82 4.39 16.16
N ALA B 478 -13.56 5.62 16.61
CA ALA B 478 -12.56 6.47 15.97
C ALA B 478 -11.16 5.88 16.05
N SER B 479 -10.90 5.05 17.06
CA SER B 479 -9.56 4.55 17.33
C SER B 479 -9.27 3.22 16.65
N THR B 480 -10.25 2.62 15.96
CA THR B 480 -10.02 1.31 15.36
C THR B 480 -10.02 1.40 13.83
N PRO B 481 -9.11 0.68 13.18
CA PRO B 481 -8.99 0.78 11.71
C PRO B 481 -10.10 0.06 10.97
N PHE B 482 -10.58 0.66 9.89
CA PHE B 482 -11.66 0.09 9.09
C PHE B 482 -11.19 -0.08 7.65
N GLY B 483 -11.42 -1.27 7.08
CA GLY B 483 -10.89 -1.57 5.76
C GLY B 483 -10.98 -3.03 5.37
N GLY B 484 -10.87 -3.32 4.09
CA GLY B 484 -11.22 -4.63 3.56
C GLY B 484 -10.04 -5.55 3.32
N TYR B 485 -10.24 -6.83 3.62
CA TYR B 485 -9.44 -7.91 3.04
C TYR B 485 -9.86 -8.11 1.59
N LYS B 486 -9.03 -8.82 0.84
CA LYS B 486 -9.37 -9.30 -0.49
C LYS B 486 -9.87 -8.15 -1.38
N GLU B 487 -10.97 -8.34 -2.10
CA GLU B 487 -11.42 -7.34 -3.06
C GLU B 487 -12.18 -6.18 -2.41
N SER B 488 -12.31 -6.18 -1.09
CA SER B 488 -12.92 -5.04 -0.40
C SER B 488 -11.93 -3.90 -0.15
N GLY B 489 -10.64 -4.11 -0.34
CA GLY B 489 -9.72 -3.03 -0.07
C GLY B 489 -8.37 -3.29 -0.68
N PHE B 490 -7.55 -2.25 -0.67
CA PHE B 490 -6.19 -2.29 -1.22
C PHE B 490 -5.34 -1.27 -0.48
N GLY B 491 -4.35 -1.75 0.28
CA GLY B 491 -3.24 -0.95 0.74
C GLY B 491 -3.42 -0.09 1.97
N GLY B 492 -4.60 -0.05 2.60
CA GLY B 492 -4.69 0.83 3.74
C GLY B 492 -5.91 0.60 4.61
N ARG B 493 -6.07 1.51 5.58
CA ARG B 493 -7.18 1.48 6.52
C ARG B 493 -7.57 2.92 6.86
N ASP B 494 -8.87 3.18 6.95
CA ASP B 494 -9.38 4.46 7.41
C ASP B 494 -9.65 4.40 8.91
N LYS B 495 -9.76 5.58 9.53
CA LYS B 495 -9.84 5.74 10.98
C LYS B 495 -8.58 5.22 11.67
N SER B 496 -8.51 5.39 12.99
CA SER B 496 -7.41 4.88 13.80
C SER B 496 -6.09 5.56 13.44
N VAL B 497 -5.04 5.25 14.21
CA VAL B 497 -3.73 5.83 13.94
C VAL B 497 -3.14 5.29 12.64
N TRP B 498 -3.61 4.13 12.17
CA TRP B 498 -3.09 3.55 10.94
C TRP B 498 -3.53 4.33 9.69
N ALA B 499 -4.58 5.14 9.78
CA ALA B 499 -4.93 6.01 8.65
C ALA B 499 -3.78 6.95 8.33
N HIS B 500 -2.99 7.32 9.34
CA HIS B 500 -1.84 8.17 9.14
C HIS B 500 -0.88 7.59 8.11
N ASP B 501 -0.74 6.26 8.07
CA ASP B 501 0.24 5.64 7.17
C ASP B 501 -0.08 5.91 5.70
N GLN B 502 -1.37 6.09 5.37
CA GLN B 502 -1.80 6.31 3.99
C GLN B 502 -1.15 7.55 3.39
N TYR B 503 -0.93 8.57 4.21
CA TYR B 503 -0.60 9.89 3.70
C TYR B 503 0.84 10.29 4.03
N THR B 504 1.67 9.34 4.45
CA THR B 504 3.04 9.65 4.84
C THR B 504 4.03 8.68 4.20
N GLU B 505 5.26 9.14 4.03
CA GLU B 505 6.38 8.30 3.61
C GLU B 505 7.30 8.06 4.79
N LEU B 506 7.84 6.83 4.90
CA LEU B 506 8.87 6.54 5.88
C LEU B 506 10.23 6.97 5.35
N LYS B 507 11.03 7.59 6.20
CA LYS B 507 12.40 7.96 5.85
C LYS B 507 13.35 7.53 6.96
N THR B 508 14.40 6.79 6.59
CA THR B 508 15.54 6.52 7.48
C THR B 508 16.55 7.65 7.34
N ILE B 509 16.82 8.35 8.44
CA ILE B 509 17.90 9.33 8.49
C ILE B 509 19.05 8.68 9.27
N TRP B 510 20.11 8.31 8.58
CA TRP B 510 21.22 7.57 9.17
C TRP B 510 22.40 8.52 9.28
N ILE B 511 22.75 8.88 10.50
CA ILE B 511 23.77 9.89 10.77
C ILE B 511 25.00 9.18 11.31
N ASP B 512 26.09 9.23 10.55
CA ASP B 512 27.34 8.65 11.01
C ASP B 512 27.87 9.40 12.22
N ALA B 513 28.40 8.66 13.19
CA ALA B 513 28.97 9.24 14.39
C ALA B 513 30.16 8.40 14.85
N SER B 514 31.04 8.05 13.90
CA SER B 514 32.09 7.04 14.11
C SER B 514 33.36 7.65 14.70
#